data_6DWT
# 
_entry.id   6DWT 
# 
_audit_conform.dict_name       mmcif_pdbx.dic 
_audit_conform.dict_version    5.379 
_audit_conform.dict_location   http://mmcif.pdb.org/dictionaries/ascii/mmcif_pdbx.dic 
# 
loop_
_database_2.database_id 
_database_2.database_code 
_database_2.pdbx_database_accession 
_database_2.pdbx_DOI 
PDB   6DWT         pdb_00006dwt 10.2210/pdb6dwt/pdb 
WWPDB D_1000235374 ?            ?                   
# 
_pdbx_database_status.status_code                     REL 
_pdbx_database_status.status_code_sf                  REL 
_pdbx_database_status.status_code_mr                  ? 
_pdbx_database_status.entry_id                        6DWT 
_pdbx_database_status.recvd_initial_deposition_date   2018-06-27 
_pdbx_database_status.SG_entry                        N 
_pdbx_database_status.deposit_site                    RCSB 
_pdbx_database_status.process_site                    RCSB 
_pdbx_database_status.status_code_cs                  ? 
_pdbx_database_status.methods_development_category    ? 
_pdbx_database_status.pdb_format_compatible           Y 
_pdbx_database_status.status_code_nmr_data            ? 
# 
loop_
_audit_author.name 
_audit_author.pdbx_ordinal 
_audit_author.identifier_ORCID 
'Hou, C.'        1 ? 
'Tsodikov, O.V.' 2 ? 
# 
_citation.abstract                  ? 
_citation.abstract_id_CAS           ? 
_citation.book_id_ISBN              ? 
_citation.book_publisher            ? 
_citation.book_publisher_city       ? 
_citation.book_title                ? 
_citation.coordinate_linkage        ? 
_citation.country                   DK 
_citation.database_id_Medline       ? 
_citation.details                   ? 
_citation.id                        primary 
_citation.journal_abbrev            'Acta Crystallogr.,Sect.D' 
_citation.journal_id_ASTM           ABCRE6 
_citation.journal_id_CSD            0766 
_citation.journal_id_ISSN           0907-4449 
_citation.journal_full              ? 
_citation.journal_issue             ? 
_citation.journal_volume            75 
_citation.language                  ? 
_citation.page_first                32 
_citation.page_last                 ? 
_citation.title                     
'Utilizing guanine coordinated Zn2+ to determine DNA crystal structures by single-wavelength anomalous diffraction' 
_citation.year                      2019 
_citation.database_id_CSD           ? 
_citation.pdbx_database_id_DOI      ? 
_citation.pdbx_database_id_PubMed   ? 
_citation.unpublished_flag          ? 
# 
loop_
_citation_author.citation_id 
_citation_author.name 
_citation_author.ordinal 
_citation_author.identifier_ORCID 
primary 'Hou, C.'        1 ? 
primary 'Tsodikov, O.V.' 2 ? 
# 
_cell.angle_alpha                  90.00 
_cell.angle_alpha_esd              ? 
_cell.angle_beta                   90.00 
_cell.angle_beta_esd               ? 
_cell.angle_gamma                  90.00 
_cell.angle_gamma_esd              ? 
_cell.entry_id                     6DWT 
_cell.details                      ? 
_cell.formula_units_Z              ? 
_cell.length_a                     44.255 
_cell.length_a_esd                 ? 
_cell.length_b                     44.255 
_cell.length_b_esd                 ? 
_cell.length_c                     23.597 
_cell.length_c_esd                 ? 
_cell.volume                       ? 
_cell.volume_esd                   ? 
_cell.Z_PDB                        8 
_cell.reciprocal_angle_alpha       ? 
_cell.reciprocal_angle_beta        ? 
_cell.reciprocal_angle_gamma       ? 
_cell.reciprocal_angle_alpha_esd   ? 
_cell.reciprocal_angle_beta_esd    ? 
_cell.reciprocal_angle_gamma_esd   ? 
_cell.reciprocal_length_a          ? 
_cell.reciprocal_length_b          ? 
_cell.reciprocal_length_c          ? 
_cell.reciprocal_length_a_esd      ? 
_cell.reciprocal_length_b_esd      ? 
_cell.reciprocal_length_c_esd      ? 
_cell.pdbx_unique_axis             ? 
# 
_symmetry.entry_id                         6DWT 
_symmetry.cell_setting                     ? 
_symmetry.Int_Tables_number                96 
_symmetry.space_group_name_Hall            ? 
_symmetry.space_group_name_H-M             'P 43 21 2' 
_symmetry.pdbx_full_space_group_name_H-M   ? 
# 
loop_
_entity.id 
_entity.type 
_entity.src_method 
_entity.pdbx_description 
_entity.formula_weight 
_entity.pdbx_number_of_molecules 
_entity.pdbx_ec 
_entity.pdbx_mutation 
_entity.pdbx_fragment 
_entity.details 
1 polymer     syn 
;DNA (5'-D(*GP*AP*GP*GP*CP*CP*TP*C)-3')
;
2427.605 1  ? ? ? ? 
2 non-polymer syn 'MAGNESIUM ION'                          24.305   1  ? ? ? ? 
3 water       nat water                                    18.015   13 ? ? ? ? 
# 
_entity_poly.entity_id                      1 
_entity_poly.type                           polydeoxyribonucleotide 
_entity_poly.nstd_linkage                   no 
_entity_poly.nstd_monomer                   no 
_entity_poly.pdbx_seq_one_letter_code       '(DG)(DA)(DG)(DG)(DC)(DC)(DT)(DC)' 
_entity_poly.pdbx_seq_one_letter_code_can   GAGGCCTC 
_entity_poly.pdbx_strand_id                 A 
_entity_poly.pdbx_target_identifier         ? 
# 
loop_
_entity_poly_seq.entity_id 
_entity_poly_seq.num 
_entity_poly_seq.mon_id 
_entity_poly_seq.hetero 
1 1 DG n 
1 2 DA n 
1 3 DG n 
1 4 DG n 
1 5 DC n 
1 6 DC n 
1 7 DT n 
1 8 DC n 
# 
_pdbx_entity_src_syn.entity_id              1 
_pdbx_entity_src_syn.pdbx_src_id            1 
_pdbx_entity_src_syn.pdbx_alt_source_flag   sample 
_pdbx_entity_src_syn.pdbx_beg_seq_num       1 
_pdbx_entity_src_syn.pdbx_end_seq_num       8 
_pdbx_entity_src_syn.organism_scientific    'synthetic construct' 
_pdbx_entity_src_syn.organism_common_name   ? 
_pdbx_entity_src_syn.ncbi_taxonomy_id       32630 
_pdbx_entity_src_syn.details                ? 
# 
_struct_ref.id                         1 
_struct_ref.db_name                    PDB 
_struct_ref.db_code                    6DWT 
_struct_ref.pdbx_db_accession          6DWT 
_struct_ref.pdbx_db_isoform            ? 
_struct_ref.entity_id                  1 
_struct_ref.pdbx_seq_one_letter_code   ? 
_struct_ref.pdbx_align_begin           1 
# 
_struct_ref_seq.align_id                      1 
_struct_ref_seq.ref_id                        1 
_struct_ref_seq.pdbx_PDB_id_code              6DWT 
_struct_ref_seq.pdbx_strand_id                A 
_struct_ref_seq.seq_align_beg                 1 
_struct_ref_seq.pdbx_seq_align_beg_ins_code   ? 
_struct_ref_seq.seq_align_end                 8 
_struct_ref_seq.pdbx_seq_align_end_ins_code   ? 
_struct_ref_seq.pdbx_db_accession             6DWT 
_struct_ref_seq.db_align_beg                  9 
_struct_ref_seq.pdbx_db_align_beg_ins_code    ? 
_struct_ref_seq.db_align_end                  16 
_struct_ref_seq.pdbx_db_align_end_ins_code    ? 
_struct_ref_seq.pdbx_auth_seq_align_beg       9 
_struct_ref_seq.pdbx_auth_seq_align_end       16 
# 
loop_
_chem_comp.id 
_chem_comp.type 
_chem_comp.mon_nstd_flag 
_chem_comp.name 
_chem_comp.pdbx_synonyms 
_chem_comp.formula 
_chem_comp.formula_weight 
DA  'DNA linking' y "2'-DEOXYADENOSINE-5'-MONOPHOSPHATE" ? 'C10 H14 N5 O6 P' 331.222 
DC  'DNA linking' y "2'-DEOXYCYTIDINE-5'-MONOPHOSPHATE"  ? 'C9 H14 N3 O7 P'  307.197 
DG  'DNA linking' y "2'-DEOXYGUANOSINE-5'-MONOPHOSPHATE" ? 'C10 H14 N5 O7 P' 347.221 
DT  'DNA linking' y "THYMIDINE-5'-MONOPHOSPHATE"         ? 'C10 H15 N2 O8 P' 322.208 
HOH non-polymer   . WATER                                ? 'H2 O'            18.015  
MG  non-polymer   . 'MAGNESIUM ION'                      ? 'Mg 2'            24.305  
# 
_exptl.absorpt_coefficient_mu     ? 
_exptl.absorpt_correction_T_max   ? 
_exptl.absorpt_correction_T_min   ? 
_exptl.absorpt_correction_type    ? 
_exptl.absorpt_process_details    ? 
_exptl.entry_id                   6DWT 
_exptl.crystals_number            1 
_exptl.details                    ? 
_exptl.method                     'X-RAY DIFFRACTION' 
_exptl.method_details             ? 
# 
_exptl_crystal.colour                      ? 
_exptl_crystal.density_diffrn              ? 
_exptl_crystal.density_Matthews            2.38 
_exptl_crystal.density_method              ? 
_exptl_crystal.density_percent_sol         48.31 
_exptl_crystal.description                 ? 
_exptl_crystal.F_000                       ? 
_exptl_crystal.id                          1 
_exptl_crystal.preparation                 ? 
_exptl_crystal.size_max                    ? 
_exptl_crystal.size_mid                    ? 
_exptl_crystal.size_min                    ? 
_exptl_crystal.size_rad                    ? 
_exptl_crystal.colour_lustre               ? 
_exptl_crystal.colour_modifier             ? 
_exptl_crystal.colour_primary              ? 
_exptl_crystal.density_meas                ? 
_exptl_crystal.density_meas_esd            ? 
_exptl_crystal.density_meas_gt             ? 
_exptl_crystal.density_meas_lt             ? 
_exptl_crystal.density_meas_temp           ? 
_exptl_crystal.density_meas_temp_esd       ? 
_exptl_crystal.density_meas_temp_gt        ? 
_exptl_crystal.density_meas_temp_lt        ? 
_exptl_crystal.pdbx_crystal_image_url      ? 
_exptl_crystal.pdbx_crystal_image_format   ? 
_exptl_crystal.pdbx_mosaicity              ? 
_exptl_crystal.pdbx_mosaicity_esd          ? 
# 
_exptl_crystal_grow.apparatus       ? 
_exptl_crystal_grow.atmosphere      ? 
_exptl_crystal_grow.crystal_id      1 
_exptl_crystal_grow.details         ? 
_exptl_crystal_grow.method          'VAPOR DIFFUSION, HANGING DROP' 
_exptl_crystal_grow.method_ref      ? 
_exptl_crystal_grow.pH              7.0 
_exptl_crystal_grow.pressure        ? 
_exptl_crystal_grow.pressure_esd    ? 
_exptl_crystal_grow.seeding         ? 
_exptl_crystal_grow.seeding_ref     ? 
_exptl_crystal_grow.temp            294 
_exptl_crystal_grow.temp_details    ? 
_exptl_crystal_grow.temp_esd        ? 
_exptl_crystal_grow.time            ? 
_exptl_crystal_grow.pdbx_details    '50 mM Hepes, pH 7.0, 20 mM MgCl2, 65% MPD' 
_exptl_crystal_grow.pdbx_pH_range   ? 
# 
_diffrn.ambient_environment    ? 
_diffrn.ambient_temp           100 
_diffrn.ambient_temp_details   ? 
_diffrn.ambient_temp_esd       ? 
_diffrn.crystal_id             1 
_diffrn.crystal_support        ? 
_diffrn.crystal_treatment      ? 
_diffrn.details                ? 
_diffrn.id                     1 
_diffrn.ambient_pressure       ? 
_diffrn.ambient_pressure_esd   ? 
_diffrn.ambient_pressure_gt    ? 
_diffrn.ambient_pressure_lt    ? 
_diffrn.ambient_temp_gt        ? 
_diffrn.ambient_temp_lt        ? 
# 
_diffrn_detector.details                      ? 
_diffrn_detector.detector                     CCD 
_diffrn_detector.diffrn_id                    1 
_diffrn_detector.type                         'MARMOSAIC 300 mm CCD' 
_diffrn_detector.area_resol_mean              ? 
_diffrn_detector.dtime                        ? 
_diffrn_detector.pdbx_frames_total            ? 
_diffrn_detector.pdbx_collection_time_total   ? 
_diffrn_detector.pdbx_collection_date         2013-11-04 
# 
_diffrn_radiation.collimation                      ? 
_diffrn_radiation.diffrn_id                        1 
_diffrn_radiation.filter_edge                      ? 
_diffrn_radiation.inhomogeneity                    ? 
_diffrn_radiation.monochromator                    ? 
_diffrn_radiation.polarisn_norm                    ? 
_diffrn_radiation.polarisn_ratio                   ? 
_diffrn_radiation.probe                            ? 
_diffrn_radiation.type                             ? 
_diffrn_radiation.xray_symbol                      ? 
_diffrn_radiation.wavelength_id                    1 
_diffrn_radiation.pdbx_monochromatic_or_laue_m_l   M 
_diffrn_radiation.pdbx_wavelength_list             ? 
_diffrn_radiation.pdbx_wavelength                  ? 
_diffrn_radiation.pdbx_diffrn_protocol             'SINGLE WAVELENGTH' 
_diffrn_radiation.pdbx_analyzer                    ? 
_diffrn_radiation.pdbx_scattering_type             x-ray 
# 
_diffrn_radiation_wavelength.id           1 
_diffrn_radiation_wavelength.wavelength   1.0 
_diffrn_radiation_wavelength.wt           1.0 
# 
_diffrn_source.current                     ? 
_diffrn_source.details                     ? 
_diffrn_source.diffrn_id                   1 
_diffrn_source.power                       ? 
_diffrn_source.size                        ? 
_diffrn_source.source                      SYNCHROTRON 
_diffrn_source.target                      ? 
_diffrn_source.type                        'APS BEAMLINE 22-ID' 
_diffrn_source.voltage                     ? 
_diffrn_source.take-off_angle              ? 
_diffrn_source.pdbx_wavelength_list        1.0 
_diffrn_source.pdbx_wavelength             ? 
_diffrn_source.pdbx_synchrotron_beamline   22-ID 
_diffrn_source.pdbx_synchrotron_site       APS 
# 
_reflns.B_iso_Wilson_estimate            ? 
_reflns.entry_id                         6DWT 
_reflns.data_reduction_details           ? 
_reflns.data_reduction_method            ? 
_reflns.d_resolution_high                1.6 
_reflns.d_resolution_low                 50.0 
_reflns.details                          ? 
_reflns.limit_h_max                      ? 
_reflns.limit_h_min                      ? 
_reflns.limit_k_max                      ? 
_reflns.limit_k_min                      ? 
_reflns.limit_l_max                      ? 
_reflns.limit_l_min                      ? 
_reflns.number_all                       ? 
_reflns.number_obs                       3322 
_reflns.observed_criterion               ? 
_reflns.observed_criterion_F_max         ? 
_reflns.observed_criterion_F_min         ? 
_reflns.observed_criterion_I_max         ? 
_reflns.observed_criterion_I_min         ? 
_reflns.observed_criterion_sigma_F       ? 
_reflns.observed_criterion_sigma_I       ? 
_reflns.percent_possible_obs             97.1 
_reflns.R_free_details                   ? 
_reflns.Rmerge_F_all                     ? 
_reflns.Rmerge_F_obs                     ? 
_reflns.Friedel_coverage                 ? 
_reflns.number_gt                        ? 
_reflns.threshold_expression             ? 
_reflns.pdbx_redundancy                  11.4 
_reflns.pdbx_Rmerge_I_obs                0.053 
_reflns.pdbx_Rmerge_I_all                ? 
_reflns.pdbx_Rsym_value                  ? 
_reflns.pdbx_netI_over_av_sigmaI         ? 
_reflns.pdbx_netI_over_sigmaI            66 
_reflns.pdbx_res_netI_over_av_sigmaI_2   ? 
_reflns.pdbx_res_netI_over_sigmaI_2      ? 
_reflns.pdbx_chi_squared                 ? 
_reflns.pdbx_scaling_rejects             ? 
_reflns.pdbx_d_res_high_opt              ? 
_reflns.pdbx_d_res_low_opt               ? 
_reflns.pdbx_d_res_opt_method            ? 
_reflns.phase_calculation_details        ? 
_reflns.pdbx_Rrim_I_all                  ? 
_reflns.pdbx_Rpim_I_all                  ? 
_reflns.pdbx_d_opt                       ? 
_reflns.pdbx_number_measured_all         ? 
_reflns.pdbx_diffrn_id                   1 
_reflns.pdbx_ordinal                     1 
_reflns.pdbx_CC_half                     ? 
_reflns.pdbx_R_split                     ? 
# 
_reflns_shell.d_res_high                  1.60 
_reflns_shell.d_res_low                   1.63 
_reflns_shell.meanI_over_sigI_all         ? 
_reflns_shell.meanI_over_sigI_obs         ? 
_reflns_shell.number_measured_all         ? 
_reflns_shell.number_measured_obs         ? 
_reflns_shell.number_possible             ? 
_reflns_shell.number_unique_all           ? 
_reflns_shell.number_unique_obs           ? 
_reflns_shell.percent_possible_all        ? 
_reflns_shell.percent_possible_obs        ? 
_reflns_shell.Rmerge_F_all                ? 
_reflns_shell.Rmerge_F_obs                ? 
_reflns_shell.Rmerge_I_all                ? 
_reflns_shell.Rmerge_I_obs                0.255 
_reflns_shell.meanI_over_sigI_gt          ? 
_reflns_shell.meanI_over_uI_all           ? 
_reflns_shell.meanI_over_uI_gt            ? 
_reflns_shell.number_measured_gt          ? 
_reflns_shell.number_unique_gt            ? 
_reflns_shell.percent_possible_gt         ? 
_reflns_shell.Rmerge_F_gt                 ? 
_reflns_shell.Rmerge_I_gt                 ? 
_reflns_shell.pdbx_redundancy             ? 
_reflns_shell.pdbx_Rsym_value             ? 
_reflns_shell.pdbx_chi_squared            ? 
_reflns_shell.pdbx_netI_over_sigmaI_all   ? 
_reflns_shell.pdbx_netI_over_sigmaI_obs   ? 
_reflns_shell.pdbx_Rrim_I_all             ? 
_reflns_shell.pdbx_Rpim_I_all             ? 
_reflns_shell.pdbx_rejects                ? 
_reflns_shell.pdbx_ordinal                1 
_reflns_shell.pdbx_diffrn_id              1 
_reflns_shell.pdbx_CC_half                ? 
_reflns_shell.pdbx_R_split                ? 
# 
_refine.aniso_B[1][1]                            -0.42 
_refine.aniso_B[1][2]                            0.00 
_refine.aniso_B[1][3]                            0.00 
_refine.aniso_B[2][2]                            -0.42 
_refine.aniso_B[2][3]                            0.00 
_refine.aniso_B[3][3]                            0.83 
_refine.B_iso_max                                ? 
_refine.B_iso_mean                               32.686 
_refine.B_iso_min                                ? 
_refine.correlation_coeff_Fo_to_Fc               0.963 
_refine.correlation_coeff_Fo_to_Fc_free          0.960 
_refine.details                                  'HYDROGENS HAVE BEEN ADDED IN THE RIDING POSITIONS' 
_refine.diff_density_max                         ? 
_refine.diff_density_max_esd                     ? 
_refine.diff_density_min                         ? 
_refine.diff_density_min_esd                     ? 
_refine.diff_density_rms                         ? 
_refine.diff_density_rms_esd                     ? 
_refine.entry_id                                 6DWT 
_refine.pdbx_refine_id                           'X-RAY DIFFRACTION' 
_refine.ls_abs_structure_details                 ? 
_refine.ls_abs_structure_Flack                   ? 
_refine.ls_abs_structure_Flack_esd               ? 
_refine.ls_abs_structure_Rogers                  ? 
_refine.ls_abs_structure_Rogers_esd              ? 
_refine.ls_d_res_high                            1.60 
_refine.ls_d_res_low                             30.00 
_refine.ls_extinction_coef                       ? 
_refine.ls_extinction_coef_esd                   ? 
_refine.ls_extinction_expression                 ? 
_refine.ls_extinction_method                     ? 
_refine.ls_goodness_of_fit_all                   ? 
_refine.ls_goodness_of_fit_all_esd               ? 
_refine.ls_goodness_of_fit_obs                   ? 
_refine.ls_goodness_of_fit_obs_esd               ? 
_refine.ls_hydrogen_treatment                    ? 
_refine.ls_matrix_type                           ? 
_refine.ls_number_constraints                    ? 
_refine.ls_number_parameters                     ? 
_refine.ls_number_reflns_all                     ? 
_refine.ls_number_reflns_obs                     3117 
_refine.ls_number_reflns_R_free                  146 
_refine.ls_number_reflns_R_work                  ? 
_refine.ls_number_restraints                     ? 
_refine.ls_percent_reflns_obs                    96.80 
_refine.ls_percent_reflns_R_free                 4.5 
_refine.ls_R_factor_all                          ? 
_refine.ls_R_factor_obs                          0.18885 
_refine.ls_R_factor_R_free                       0.21918 
_refine.ls_R_factor_R_free_error                 ? 
_refine.ls_R_factor_R_free_error_details         ? 
_refine.ls_R_factor_R_work                       0.18691 
_refine.ls_R_Fsqd_factor_obs                     ? 
_refine.ls_R_I_factor_obs                        ? 
_refine.ls_redundancy_reflns_all                 ? 
_refine.ls_redundancy_reflns_obs                 ? 
_refine.ls_restrained_S_all                      ? 
_refine.ls_restrained_S_obs                      ? 
_refine.ls_shift_over_esd_max                    ? 
_refine.ls_shift_over_esd_mean                   ? 
_refine.ls_structure_factor_coef                 ? 
_refine.ls_weighting_details                     ? 
_refine.ls_weighting_scheme                      ? 
_refine.ls_wR_factor_all                         ? 
_refine.ls_wR_factor_obs                         ? 
_refine.ls_wR_factor_R_free                      ? 
_refine.ls_wR_factor_R_work                      ? 
_refine.occupancy_max                            ? 
_refine.occupancy_min                            ? 
_refine.solvent_model_details                    MASK 
_refine.solvent_model_param_bsol                 ? 
_refine.solvent_model_param_ksol                 ? 
_refine.ls_R_factor_gt                           ? 
_refine.ls_goodness_of_fit_gt                    ? 
_refine.ls_goodness_of_fit_ref                   ? 
_refine.ls_shift_over_su_max                     ? 
_refine.ls_shift_over_su_max_lt                  ? 
_refine.ls_shift_over_su_mean                    ? 
_refine.ls_shift_over_su_mean_lt                 ? 
_refine.pdbx_ls_sigma_I                          ? 
_refine.pdbx_ls_sigma_F                          ? 
_refine.pdbx_ls_sigma_Fsqd                       ? 
_refine.pdbx_data_cutoff_high_absF               ? 
_refine.pdbx_data_cutoff_high_rms_absF           ? 
_refine.pdbx_data_cutoff_low_absF                ? 
_refine.pdbx_isotropic_thermal_model             ? 
_refine.pdbx_ls_cross_valid_method               THROUGHOUT 
_refine.pdbx_method_to_determine_struct          'MOLECULAR REPLACEMENT' 
_refine.pdbx_starting_model                      6DXJ 
_refine.pdbx_stereochemistry_target_values       'MAXIMUM LIKELIHOOD' 
_refine.pdbx_R_Free_selection_details            RANDOM 
_refine.pdbx_stereochem_target_val_spec_case     ? 
_refine.pdbx_overall_ESU_R                       0.103 
_refine.pdbx_overall_ESU_R_Free                  0.085 
_refine.pdbx_solvent_vdw_probe_radii             1.20 
_refine.pdbx_solvent_ion_probe_radii             0.80 
_refine.pdbx_solvent_shrinkage_radii             0.80 
_refine.pdbx_real_space_R                        ? 
_refine.pdbx_density_correlation                 ? 
_refine.pdbx_pd_number_of_powder_patterns        ? 
_refine.pdbx_pd_number_of_points                 ? 
_refine.pdbx_pd_meas_number_of_points            ? 
_refine.pdbx_pd_proc_ls_prof_R_factor            ? 
_refine.pdbx_pd_proc_ls_prof_wR_factor           ? 
_refine.pdbx_pd_Marquardt_correlation_coeff      ? 
_refine.pdbx_pd_Fsqrd_R_factor                   ? 
_refine.pdbx_pd_ls_matrix_band_width             ? 
_refine.pdbx_overall_phase_error                 ? 
_refine.pdbx_overall_SU_R_free_Cruickshank_DPI   ? 
_refine.pdbx_overall_SU_R_free_Blow_DPI          ? 
_refine.pdbx_overall_SU_R_Blow_DPI               ? 
_refine.pdbx_TLS_residual_ADP_flag               ? 
_refine.pdbx_diffrn_id                           1 
_refine.overall_SU_B                             5.113 
_refine.overall_SU_ML                            0.079 
_refine.overall_SU_R_Cruickshank_DPI             ? 
_refine.overall_SU_R_free                        ? 
_refine.overall_FOM_free_R_set                   ? 
_refine.overall_FOM_work_R_set                   ? 
_refine.pdbx_average_fsc_overall                 ? 
_refine.pdbx_average_fsc_work                    ? 
_refine.pdbx_average_fsc_free                    ? 
# 
_refine_hist.pdbx_refine_id                   'X-RAY DIFFRACTION' 
_refine_hist.cycle_id                         1 
_refine_hist.pdbx_number_atoms_protein        0 
_refine_hist.pdbx_number_atoms_nucleic_acid   161 
_refine_hist.pdbx_number_atoms_ligand         1 
_refine_hist.number_atoms_solvent             13 
_refine_hist.number_atoms_total               175 
_refine_hist.d_res_high                       1.60 
_refine_hist.d_res_low                        30.00 
# 
loop_
_refine_ls_restr.pdbx_refine_id 
_refine_ls_restr.criterion 
_refine_ls_restr.dev_ideal 
_refine_ls_restr.dev_ideal_target 
_refine_ls_restr.number 
_refine_ls_restr.rejects 
_refine_ls_restr.type 
_refine_ls_restr.weight 
_refine_ls_restr.pdbx_restraint_function 
'X-RAY DIFFRACTION' ? 0.011  0.011  180 ? r_bond_refined_d             ? ? 
'X-RAY DIFFRACTION' ? 0.003  0.020  90  ? r_bond_other_d               ? ? 
'X-RAY DIFFRACTION' ? 1.560  1.156  276 ? r_angle_refined_deg          ? ? 
'X-RAY DIFFRACTION' ? 1.767  3.000  212 ? r_angle_other_deg            ? ? 
'X-RAY DIFFRACTION' ? ?      ?      ?   ? r_dihedral_angle_1_deg       ? ? 
'X-RAY DIFFRACTION' ? ?      ?      ?   ? r_dihedral_angle_2_deg       ? ? 
'X-RAY DIFFRACTION' ? ?      ?      ?   ? r_dihedral_angle_3_deg       ? ? 
'X-RAY DIFFRACTION' ? ?      ?      ?   ? r_dihedral_angle_4_deg       ? ? 
'X-RAY DIFFRACTION' ? 0.073  0.200  24  ? r_chiral_restr               ? ? 
'X-RAY DIFFRACTION' ? 0.022  0.020  96  ? r_gen_planes_refined         ? ? 
'X-RAY DIFFRACTION' ? 0.004  0.020  42  ? r_gen_planes_other           ? ? 
'X-RAY DIFFRACTION' ? ?      ?      ?   ? r_nbd_refined                ? ? 
'X-RAY DIFFRACTION' ? ?      ?      ?   ? r_nbd_other                  ? ? 
'X-RAY DIFFRACTION' ? ?      ?      ?   ? r_nbtor_refined              ? ? 
'X-RAY DIFFRACTION' ? ?      ?      ?   ? r_nbtor_other                ? ? 
'X-RAY DIFFRACTION' ? ?      ?      ?   ? r_xyhbond_nbd_refined        ? ? 
'X-RAY DIFFRACTION' ? ?      ?      ?   ? r_xyhbond_nbd_other          ? ? 
'X-RAY DIFFRACTION' ? ?      ?      ?   ? r_metal_ion_refined          ? ? 
'X-RAY DIFFRACTION' ? ?      ?      ?   ? r_metal_ion_other            ? ? 
'X-RAY DIFFRACTION' ? ?      ?      ?   ? r_symmetry_vdw_refined       ? ? 
'X-RAY DIFFRACTION' ? ?      ?      ?   ? r_symmetry_vdw_other         ? ? 
'X-RAY DIFFRACTION' ? ?      ?      ?   ? r_symmetry_hbond_refined     ? ? 
'X-RAY DIFFRACTION' ? ?      ?      ?   ? r_symmetry_hbond_other       ? ? 
'X-RAY DIFFRACTION' ? ?      ?      ?   ? r_symmetry_metal_ion_refined ? ? 
'X-RAY DIFFRACTION' ? ?      ?      ?   ? r_symmetry_metal_ion_other   ? ? 
'X-RAY DIFFRACTION' ? ?      ?      ?   ? r_mcbond_it                  ? ? 
'X-RAY DIFFRACTION' ? ?      ?      ?   ? r_mcbond_other               ? ? 
'X-RAY DIFFRACTION' ? ?      ?      ?   ? r_mcangle_it                 ? ? 
'X-RAY DIFFRACTION' ? ?      ?      ?   ? r_mcangle_other              ? ? 
'X-RAY DIFFRACTION' ? 4.427  3.258  180 ? r_scbond_it                  ? ? 
'X-RAY DIFFRACTION' ? 4.433  3.253  179 ? r_scbond_other               ? ? 
'X-RAY DIFFRACTION' ? ?      ?      ?   ? r_scangle_it                 ? ? 
'X-RAY DIFFRACTION' ? 5.557  4.942  276 ? r_scangle_other              ? ? 
'X-RAY DIFFRACTION' ? 5.221  31.118 231 ? r_long_range_B_refined       ? ? 
'X-RAY DIFFRACTION' ? 5.034  31.018 230 ? r_long_range_B_other         ? ? 
'X-RAY DIFFRACTION' ? 5.065  3.000  270 ? r_rigid_bond_restr           ? ? 
'X-RAY DIFFRACTION' ? 30.594 5.000  7   ? r_sphericity_free            ? ? 
'X-RAY DIFFRACTION' ? 17.952 5.000  258 ? r_sphericity_bonded          ? ? 
# 
_refine_ls_shell.pdbx_refine_id                   'X-RAY DIFFRACTION' 
_refine_ls_shell.d_res_high                       1.600 
_refine_ls_shell.d_res_low                        1.641 
_refine_ls_shell.number_reflns_all                ? 
_refine_ls_shell.number_reflns_obs                ? 
_refine_ls_shell.number_reflns_R_free             5 
_refine_ls_shell.number_reflns_R_work             231 
_refine_ls_shell.percent_reflns_obs               97.52 
_refine_ls_shell.percent_reflns_R_free            ? 
_refine_ls_shell.R_factor_all                     ? 
_refine_ls_shell.R_factor_obs                     ? 
_refine_ls_shell.R_factor_R_free                  0.185 
_refine_ls_shell.R_factor_R_free_error            ? 
_refine_ls_shell.R_factor_R_work                  0.115 
_refine_ls_shell.redundancy_reflns_all            ? 
_refine_ls_shell.redundancy_reflns_obs            ? 
_refine_ls_shell.wR_factor_all                    ? 
_refine_ls_shell.wR_factor_obs                    ? 
_refine_ls_shell.wR_factor_R_free                 ? 
_refine_ls_shell.wR_factor_R_work                 ? 
_refine_ls_shell.pdbx_total_number_of_bins_used   20 
_refine_ls_shell.pdbx_phase_error                 ? 
_refine_ls_shell.pdbx_fsc_work                    ? 
_refine_ls_shell.pdbx_fsc_free                    ? 
# 
_struct.entry_id                     6DWT 
_struct.title                        'Crystal structure of double-stranded DNA GAGGCCTC, crystals grown in Mg2+' 
_struct.pdbx_model_details           ? 
_struct.pdbx_formula_weight          ? 
_struct.pdbx_formula_weight_method   ? 
_struct.pdbx_model_type_details      ? 
_struct.pdbx_CASP_flag               N 
# 
_struct_keywords.entry_id        6DWT 
_struct_keywords.text            'nucleic acid, palindrome, mithramycin binding, DNA' 
_struct_keywords.pdbx_keywords   DNA 
# 
loop_
_struct_asym.id 
_struct_asym.pdbx_blank_PDB_chainid_flag 
_struct_asym.pdbx_modified 
_struct_asym.entity_id 
_struct_asym.details 
A N N 1 ? 
B N N 2 ? 
C N N 3 ? 
# 
loop_
_struct_conn.id 
_struct_conn.conn_type_id 
_struct_conn.pdbx_leaving_atom_flag 
_struct_conn.pdbx_PDB_id 
_struct_conn.ptnr1_label_asym_id 
_struct_conn.ptnr1_label_comp_id 
_struct_conn.ptnr1_label_seq_id 
_struct_conn.ptnr1_label_atom_id 
_struct_conn.pdbx_ptnr1_label_alt_id 
_struct_conn.pdbx_ptnr1_PDB_ins_code 
_struct_conn.pdbx_ptnr1_standard_comp_id 
_struct_conn.ptnr1_symmetry 
_struct_conn.ptnr2_label_asym_id 
_struct_conn.ptnr2_label_comp_id 
_struct_conn.ptnr2_label_seq_id 
_struct_conn.ptnr2_label_atom_id 
_struct_conn.pdbx_ptnr2_label_alt_id 
_struct_conn.pdbx_ptnr2_PDB_ins_code 
_struct_conn.ptnr1_auth_asym_id 
_struct_conn.ptnr1_auth_comp_id 
_struct_conn.ptnr1_auth_seq_id 
_struct_conn.ptnr2_auth_asym_id 
_struct_conn.ptnr2_auth_comp_id 
_struct_conn.ptnr2_auth_seq_id 
_struct_conn.ptnr2_symmetry 
_struct_conn.pdbx_ptnr3_label_atom_id 
_struct_conn.pdbx_ptnr3_label_seq_id 
_struct_conn.pdbx_ptnr3_label_comp_id 
_struct_conn.pdbx_ptnr3_label_asym_id 
_struct_conn.pdbx_ptnr3_label_alt_id 
_struct_conn.pdbx_ptnr3_PDB_ins_code 
_struct_conn.details 
_struct_conn.pdbx_dist_value 
_struct_conn.pdbx_value_order 
_struct_conn.pdbx_role 
metalc1  metalc ? ? A DC 8 OP1 ? ? ? 1_555 B MG . MG ? ? A DC 16 A MG 101 1_555 ? ? ? ? ? ? ?            2.708 ? ? 
hydrog1  hydrog ? ? A DG 1 N1  ? ? ? 1_555 A DC 8 N3 ? ? A DG 9  A DC 16  7_555 ? ? ? ? ? ? WATSON-CRICK ?     ? ? 
hydrog2  hydrog ? ? A DG 1 N2  ? ? ? 1_555 A DC 8 O2 ? ? A DG 9  A DC 16  7_555 ? ? ? ? ? ? WATSON-CRICK ?     ? ? 
hydrog3  hydrog ? ? A DG 1 O6  ? ? ? 1_555 A DC 8 N4 ? ? A DG 9  A DC 16  7_555 ? ? ? ? ? ? WATSON-CRICK ?     ? ? 
hydrog4  hydrog ? ? A DA 2 N1  ? ? ? 1_555 A DT 7 N3 ? ? A DA 10 A DT 15  7_555 ? ? ? ? ? ? WATSON-CRICK ?     ? ? 
hydrog5  hydrog ? ? A DA 2 N6  ? ? ? 1_555 A DT 7 O4 ? ? A DA 10 A DT 15  7_555 ? ? ? ? ? ? WATSON-CRICK ?     ? ? 
hydrog6  hydrog ? ? A DG 3 N1  ? ? ? 1_555 A DC 6 N3 ? ? A DG 11 A DC 14  7_555 ? ? ? ? ? ? WATSON-CRICK ?     ? ? 
hydrog7  hydrog ? ? A DG 3 N2  ? ? ? 1_555 A DC 6 O2 ? ? A DG 11 A DC 14  7_555 ? ? ? ? ? ? WATSON-CRICK ?     ? ? 
hydrog8  hydrog ? ? A DG 3 O6  ? ? ? 1_555 A DC 6 N4 ? ? A DG 11 A DC 14  7_555 ? ? ? ? ? ? WATSON-CRICK ?     ? ? 
hydrog9  hydrog ? ? A DG 4 N1  ? ? ? 1_555 A DC 5 N3 ? ? A DG 12 A DC 13  7_555 ? ? ? ? ? ? WATSON-CRICK ?     ? ? 
hydrog10 hydrog ? ? A DG 4 N2  ? ? ? 1_555 A DC 5 O2 ? ? A DG 12 A DC 13  7_555 ? ? ? ? ? ? WATSON-CRICK ?     ? ? 
hydrog11 hydrog ? ? A DG 4 O6  ? ? ? 1_555 A DC 5 N4 ? ? A DG 12 A DC 13  7_555 ? ? ? ? ? ? WATSON-CRICK ?     ? ? 
hydrog12 hydrog ? ? A DC 5 N3  ? ? ? 1_555 A DG 4 N1 ? ? A DC 13 A DG 12  7_555 ? ? ? ? ? ? WATSON-CRICK ?     ? ? 
hydrog13 hydrog ? ? A DC 5 N4  ? ? ? 1_555 A DG 4 O6 ? ? A DC 13 A DG 12  7_555 ? ? ? ? ? ? WATSON-CRICK ?     ? ? 
hydrog14 hydrog ? ? A DC 5 O2  ? ? ? 1_555 A DG 4 N2 ? ? A DC 13 A DG 12  7_555 ? ? ? ? ? ? WATSON-CRICK ?     ? ? 
hydrog15 hydrog ? ? A DC 6 N3  ? ? ? 1_555 A DG 3 N1 ? ? A DC 14 A DG 11  7_555 ? ? ? ? ? ? WATSON-CRICK ?     ? ? 
hydrog16 hydrog ? ? A DC 6 N4  ? ? ? 1_555 A DG 3 O6 ? ? A DC 14 A DG 11  7_555 ? ? ? ? ? ? WATSON-CRICK ?     ? ? 
hydrog17 hydrog ? ? A DC 6 O2  ? ? ? 1_555 A DG 3 N2 ? ? A DC 14 A DG 11  7_555 ? ? ? ? ? ? WATSON-CRICK ?     ? ? 
hydrog18 hydrog ? ? A DT 7 N3  ? ? ? 1_555 A DA 2 N1 ? ? A DT 15 A DA 10  7_555 ? ? ? ? ? ? WATSON-CRICK ?     ? ? 
hydrog19 hydrog ? ? A DT 7 O4  ? ? ? 1_555 A DA 2 N6 ? ? A DT 15 A DA 10  7_555 ? ? ? ? ? ? WATSON-CRICK ?     ? ? 
hydrog20 hydrog ? ? A DC 8 N3  ? ? ? 1_555 A DG 1 N1 ? ? A DC 16 A DG 9   7_555 ? ? ? ? ? ? WATSON-CRICK ?     ? ? 
hydrog21 hydrog ? ? A DC 8 N4  ? ? ? 1_555 A DG 1 O6 ? ? A DC 16 A DG 9   7_555 ? ? ? ? ? ? WATSON-CRICK ?     ? ? 
hydrog22 hydrog ? ? A DC 8 O2  ? ? ? 1_555 A DG 1 N2 ? ? A DC 16 A DG 9   7_555 ? ? ? ? ? ? WATSON-CRICK ?     ? ? 
# 
loop_
_struct_conn_type.id 
_struct_conn_type.criteria 
_struct_conn_type.reference 
metalc ? ? 
hydrog ? ? 
# 
_struct_site.id                   AC1 
_struct_site.pdbx_evidence_code   Software 
_struct_site.pdbx_auth_asym_id    A 
_struct_site.pdbx_auth_comp_id    MG 
_struct_site.pdbx_auth_seq_id     101 
_struct_site.pdbx_auth_ins_code   ? 
_struct_site.pdbx_num_residues    3 
_struct_site.details              'binding site for residue MG A 101' 
# 
loop_
_struct_site_gen.id 
_struct_site_gen.site_id 
_struct_site_gen.pdbx_num_res 
_struct_site_gen.label_comp_id 
_struct_site_gen.label_asym_id 
_struct_site_gen.label_seq_id 
_struct_site_gen.pdbx_auth_ins_code 
_struct_site_gen.auth_comp_id 
_struct_site_gen.auth_asym_id 
_struct_site_gen.auth_seq_id 
_struct_site_gen.label_atom_id 
_struct_site_gen.label_alt_id 
_struct_site_gen.symmetry 
_struct_site_gen.details 
1 AC1 3 DT A 7 ? DT A 15 . ? 4_445 ? 
2 AC1 3 DC A 8 ? DC A 16 . ? 4_445 ? 
3 AC1 3 DC A 8 ? DC A 16 . ? 1_555 ? 
# 
_atom_sites.entry_id                    6DWT 
_atom_sites.fract_transf_matrix[1][1]   -0.01948438 
_atom_sites.fract_transf_matrix[1][2]   -0.00834479 
_atom_sites.fract_transf_matrix[1][3]   -0.00782960 
_atom_sites.fract_transf_matrix[2][1]   0.00038886 
_atom_sites.fract_transf_matrix[2][2]   0.01496922 
_atom_sites.fract_transf_matrix[2][3]   -0.01692189 
_atom_sites.fract_transf_matrix[3][1]   0.02144820 
_atom_sites.fract_transf_matrix[3][2]   -0.02761880 
_atom_sites.fract_transf_matrix[3][3]   -0.02393891 
_atom_sites.fract_transf_vector[1]      -0.199266 
_atom_sites.fract_transf_vector[2]      -0.236275 
_atom_sites.fract_transf_vector[3]      -0.099293 
# 
loop_
_atom_type.symbol 
C  
MG 
N  
O  
P  
# 
loop_
_atom_site.group_PDB 
_atom_site.id 
_atom_site.type_symbol 
_atom_site.label_atom_id 
_atom_site.label_alt_id 
_atom_site.label_comp_id 
_atom_site.label_asym_id 
_atom_site.label_entity_id 
_atom_site.label_seq_id 
_atom_site.pdbx_PDB_ins_code 
_atom_site.Cartn_x 
_atom_site.Cartn_y 
_atom_site.Cartn_z 
_atom_site.occupancy 
_atom_site.B_iso_or_equiv 
_atom_site.pdbx_formal_charge 
_atom_site.auth_seq_id 
_atom_site.auth_comp_id 
_atom_site.auth_asym_id 
_atom_site.auth_atom_id 
_atom_site.pdbx_PDB_model_num 
ATOM   1   O  "O5'" . DG  A 1 1 ? -6.784  -7.842  -9.890  1.00 43.48 ? 9   DG  A "O5'" 1 
ATOM   2   C  "C5'" . DG  A 1 1 ? -8.195  -8.072  -10.168 1.00 37.98 ? 9   DG  A "C5'" 1 
ATOM   3   C  "C4'" . DG  A 1 1 ? -8.915  -8.656  -8.973  1.00 32.78 ? 9   DG  A "C4'" 1 
ATOM   4   O  "O4'" . DG  A 1 1 ? -8.364  -9.943  -8.615  1.00 30.67 ? 9   DG  A "O4'" 1 
ATOM   5   C  "C3'" . DG  A 1 1 ? -8.870  -7.846  -7.678  1.00 29.19 ? 9   DG  A "C3'" 1 
ATOM   6   O  "O3'" . DG  A 1 1 ? -9.831  -6.779  -7.756  1.00 35.07 ? 9   DG  A "O3'" 1 
ATOM   7   C  "C2'" . DG  A 1 1 ? -9.165  -8.916  -6.650  1.00 31.04 ? 9   DG  A "C2'" 1 
ATOM   8   C  "C1'" . DG  A 1 1 ? -8.357  -10.070 -7.206  1.00 28.19 ? 9   DG  A "C1'" 1 
ATOM   9   N  N9    . DG  A 1 1 ? -6.974  -10.024 -6.760  1.00 28.57 ? 9   DG  A N9    1 
ATOM   10  C  C8    . DG  A 1 1 ? -5.849  -9.732  -7.496  1.00 26.47 ? 9   DG  A C8    1 
ATOM   11  N  N7    . DG  A 1 1 ? -4.743  -9.837  -6.807  1.00 27.23 ? 9   DG  A N7    1 
ATOM   12  C  C5    . DG  A 1 1 ? -5.164  -10.237 -5.547  1.00 23.94 ? 9   DG  A C5    1 
ATOM   13  C  C6    . DG  A 1 1 ? -4.422  -10.547 -4.389  1.00 26.13 ? 9   DG  A C6    1 
ATOM   14  O  O6    . DG  A 1 1 ? -3.187  -10.465 -4.205  1.00 26.32 ? 9   DG  A O6    1 
ATOM   15  N  N1    . DG  A 1 1 ? -5.250  -10.936 -3.346  1.00 24.08 ? 9   DG  A N1    1 
ATOM   16  C  C2    . DG  A 1 1 ? -6.615  -11.052 -3.412  1.00 25.84 ? 9   DG  A C2    1 
ATOM   17  N  N2    . DG  A 1 1 ? -7.229  -11.462 -2.294  1.00 29.24 ? 9   DG  A N2    1 
ATOM   18  N  N3    . DG  A 1 1 ? -7.318  -10.809 -4.497  1.00 28.76 ? 9   DG  A N3    1 
ATOM   19  C  C4    . DG  A 1 1 ? -6.541  -10.373 -5.509  1.00 26.79 ? 9   DG  A C4    1 
ATOM   20  P  P     . DA  A 1 2 ? -9.566  -5.373  -7.102  1.00 40.85 ? 10  DA  A P     1 
ATOM   21  O  OP1   . DA  A 1 2 ? -10.771 -4.544  -7.384  1.00 49.54 ? 10  DA  A OP1   1 
ATOM   22  O  OP2   . DA  A 1 2 ? -8.201  -4.889  -7.482  1.00 46.53 ? 10  DA  A OP2   1 
ATOM   23  O  "O5'" . DA  A 1 2 ? -9.637  -5.646  -5.535  1.00 36.56 ? 10  DA  A "O5'" 1 
ATOM   24  C  "C5'" . DA  A 1 2 ? -10.867 -5.920  -4.862  1.00 42.02 ? 10  DA  A "C5'" 1 
ATOM   25  C  "C4'" . DA  A 1 2 ? -10.600 -6.445  -3.474  1.00 37.29 ? 10  DA  A "C4'" 1 
ATOM   26  O  "O4'" . DA  A 1 2 ? -9.799  -7.653  -3.483  1.00 38.32 ? 10  DA  A "O4'" 1 
ATOM   27  C  "C3'" . DA  A 1 2 ? -9.817  -5.500  -2.576  1.00 40.23 ? 10  DA  A "C3'" 1 
ATOM   28  O  "O3'" . DA  A 1 2 ? -10.675 -4.438  -2.180  1.00 46.14 ? 10  DA  A "O3'" 1 
ATOM   29  C  "C2'" . DA  A 1 2 ? -9.312  -6.455  -1.509  1.00 35.89 ? 10  DA  A "C2'" 1 
ATOM   30  C  "C1'" . DA  A 1 2 ? -8.930  -7.668  -2.353  1.00 37.01 ? 10  DA  A "C1'" 1 
ATOM   31  N  N9    . DA  A 1 2 ? -7.550  -7.575  -2.828  1.00 35.00 ? 10  DA  A N9    1 
ATOM   32  C  C8    . DA  A 1 2 ? -7.058  -7.078  -4.010  1.00 34.18 ? 10  DA  A C8    1 
ATOM   33  N  N7    . DA  A 1 2 ? -5.751  -7.078  -4.078  1.00 33.72 ? 10  DA  A N7    1 
ATOM   34  C  C5    . DA  A 1 2 ? -5.352  -7.551  -2.835  1.00 30.39 ? 10  DA  A C5    1 
ATOM   35  C  C6    . DA  A 1 2 ? -4.080  -7.792  -2.279  1.00 28.04 ? 10  DA  A C6    1 
ATOM   36  N  N6    . DA  A 1 2 ? -2.936  -7.534  -2.915  1.00 28.24 ? 10  DA  A N6    1 
ATOM   37  N  N1    . DA  A 1 2 ? -4.026  -8.276  -1.020  1.00 30.39 ? 10  DA  A N1    1 
ATOM   38  C  C2    . DA  A 1 2 ? -5.183  -8.517  -0.375  1.00 34.00 ? 10  DA  A C2    1 
ATOM   39  N  N3    . DA  A 1 2 ? -6.440  -8.353  -0.805  1.00 33.61 ? 10  DA  A N3    1 
ATOM   40  C  C4    . DA  A 1 2 ? -6.451  -7.861  -2.054  1.00 31.91 ? 10  DA  A C4    1 
ATOM   41  P  P     . DG  A 1 3 ? -10.099 -2.999  -1.760  1.00 55.89 ? 11  DG  A P     1 
ATOM   42  O  OP1   . DG  A 1 3 ? -11.250 -2.136  -1.378  1.00 65.13 ? 11  DG  A OP1   1 
ATOM   43  O  OP2   . DG  A 1 3 ? -9.157  -2.513  -2.807  1.00 47.87 ? 11  DG  A OP2   1 
ATOM   44  O  "O5'" . DG  A 1 3 ? -9.179  -3.334  -0.517  1.00 49.36 ? 11  DG  A "O5'" 1 
ATOM   45  C  "C5'" . DG  A 1 3 ? -9.743  -3.539  0.759   1.00 55.34 ? 11  DG  A "C5'" 1 
ATOM   46  C  "C4'" . DG  A 1 3 ? -8.662  -4.035  1.683   1.00 42.39 ? 11  DG  A "C4'" 1 
ATOM   47  O  "O4'" . DG  A 1 3 ? -7.959  -5.166  1.122   1.00 41.98 ? 11  DG  A "O4'" 1 
ATOM   48  C  "C3'" . DG  A 1 3 ? -7.547  -3.052  1.999   1.00 44.30 ? 11  DG  A "C3'" 1 
ATOM   49  O  "O3'" . DG  A 1 3 ? -7.978  -2.073  2.946   1.00 50.39 ? 11  DG  A "O3'" 1 
ATOM   50  C  "C2'" . DG  A 1 3 ? -6.575  -4.004  2.649   1.00 43.66 ? 11  DG  A "C2'" 1 
ATOM   51  C  "C1'" . DG  A 1 3 ? -6.638  -5.173  1.679   1.00 41.27 ? 11  DG  A "C1'" 1 
ATOM   52  N  N9    . DG  A 1 3 ? -5.649  -5.007  0.609   1.00 35.95 ? 11  DG  A N9    1 
ATOM   53  C  C8    . DG  A 1 3 ? -5.818  -4.529  -0.670  1.00 32.94 ? 11  DG  A C8    1 
ATOM   54  N  N7    . DG  A 1 3 ? -4.697  -4.423  -1.328  1.00 29.34 ? 11  DG  A N7    1 
ATOM   55  C  C5    . DG  A 1 3 ? -3.733  -4.878  -0.434  1.00 29.46 ? 11  DG  A C5    1 
ATOM   56  C  C6    . DG  A 1 3 ? -2.329  -4.986  -0.579  1.00 27.24 ? 11  DG  A C6    1 
ATOM   57  O  O6    . DG  A 1 3 ? -1.654  -4.726  -1.551  1.00 28.57 ? 11  DG  A O6    1 
ATOM   58  N  N1    . DG  A 1 3 ? -1.721  -5.440  0.589   1.00 23.95 ? 11  DG  A N1    1 
ATOM   59  C  C2    . DG  A 1 3 ? -2.378  -5.693  1.767   1.00 27.02 ? 11  DG  A C2    1 
ATOM   60  N  N2    . DG  A 1 3 ? -1.629  -6.089  2.795   1.00 29.00 ? 11  DG  A N2    1 
ATOM   61  N  N3    . DG  A 1 3 ? -3.692  -5.601  1.911   1.00 29.77 ? 11  DG  A N3    1 
ATOM   62  C  C4    . DG  A 1 3 ? -4.296  -5.168  0.785   1.00 30.50 ? 11  DG  A C4    1 
ATOM   63  P  P     . DG  A 1 4 ? -7.291  -0.612  3.058   1.00 46.94 ? 12  DG  A P     1 
ATOM   64  O  OP1   . DG  A 1 4 ? -8.084  0.122   4.077   1.00 66.44 ? 12  DG  A OP1   1 
ATOM   65  O  OP2   . DG  A 1 4 ? -7.086  -0.050  1.683   1.00 52.42 ? 12  DG  A OP2   1 
ATOM   66  O  "O5'" . DG  A 1 4 ? -5.877  -0.945  3.691   1.00 52.13 ? 12  DG  A "O5'" 1 
ATOM   67  C  "C5'" . DG  A 1 4 ? -5.821  -1.585  4.979   1.00 45.79 ? 12  DG  A "C5'" 1 
ATOM   68  C  "C4'" . DG  A 1 4 ? -4.390  -1.875  5.359   1.00 43.35 ? 12  DG  A "C4'" 1 
ATOM   69  O  "O4'" . DG  A 1 4 ? -3.812  -2.864  4.459   1.00 40.54 ? 12  DG  A "O4'" 1 
ATOM   70  C  "C3'" . DG  A 1 4 ? -3.460  -0.668  5.279   1.00 37.36 ? 12  DG  A "C3'" 1 
ATOM   71  O  "O3'" . DG  A 1 4 ? -3.504  0.146   6.464   1.00 35.84 ? 12  DG  A "O3'" 1 
ATOM   72  C  "C2'" . DG  A 1 4 ? -2.114  -1.340  5.103   1.00 32.19 ? 12  DG  A "C2'" 1 
ATOM   73  C  "C1'" . DG  A 1 4 ? -2.441  -2.581  4.252   1.00 32.89 ? 12  DG  A "C1'" 1 
ATOM   74  N  N9    . DG  A 1 4 ? -2.226  -2.362  2.830   1.00 30.75 ? 12  DG  A N9    1 
ATOM   75  C  C8    . DG  A 1 4 ? -3.125  -1.945  1.882   1.00 33.00 ? 12  DG  A C8    1 
ATOM   76  N  N7    . DG  A 1 4 ? -2.592  -1.789  0.701   1.00 30.42 ? 12  DG  A N7    1 
ATOM   77  C  C5    . DG  A 1 4 ? -1.250  -2.087  0.893   1.00 28.84 ? 12  DG  A C5    1 
ATOM   78  C  C6    . DG  A 1 4 ? -0.174  -2.091  -0.027  1.00 23.03 ? 12  DG  A C6    1 
ATOM   79  O  O6    . DG  A 1 4 ? -0.203  -1.837  -1.250  1.00 25.73 ? 12  DG  A O6    1 
ATOM   80  N  N1    . DG  A 1 4 ? 1.017   -2.479  0.585   1.00 24.35 ? 12  DG  A N1    1 
ATOM   81  C  C2    . DG  A 1 4 ? 1.159   -2.782  1.921   1.00 20.79 ? 12  DG  A C2    1 
ATOM   82  N  N2    . DG  A 1 4 ? 2.378   -3.076  2.339   1.00 24.01 ? 12  DG  A N2    1 
ATOM   83  N  N3    . DG  A 1 4 ? 0.151   -2.803  2.783   1.00 23.35 ? 12  DG  A N3    1 
ATOM   84  C  C4    . DG  A 1 4 ? -1.009  -2.430  2.206   1.00 23.96 ? 12  DG  A C4    1 
ATOM   85  P  P     . DC  A 1 5 ? -2.849  1.569   6.508   1.00 36.32 ? 13  DC  A P     1 
ATOM   86  O  OP1   . DC  A 1 5 ? -3.173  2.109   7.863   1.00 43.58 ? 13  DC  A OP1   1 
ATOM   87  O  OP2   . DC  A 1 5 ? -3.152  2.340   5.278   1.00 38.64 ? 13  DC  A OP2   1 
ATOM   88  O  "O5'" . DC  A 1 5 ? -1.300  1.236   6.470   1.00 39.05 ? 13  DC  A "O5'" 1 
ATOM   89  C  "C5'" . DC  A 1 5 ? -0.416  2.120   5.811   1.00 32.10 ? 13  DC  A "C5'" 1 
ATOM   90  C  "C4'" . DC  A 1 5 ? 0.929   1.444   5.768   1.00 30.25 ? 13  DC  A "C4'" 1 
ATOM   91  O  "O4'" . DC  A 1 5 ? 0.873   0.328   4.855   1.00 29.54 ? 13  DC  A "O4'" 1 
ATOM   92  C  "C3'" . DC  A 1 5 ? 2.068   2.321   5.279   1.00 30.16 ? 13  DC  A "C3'" 1 
ATOM   93  O  "O3'" . DC  A 1 5 ? 2.647   2.986   6.408   1.00 32.69 ? 13  DC  A "O3'" 1 
ATOM   94  C  "C2'" . DC  A 1 5 ? 3.036   1.290   4.741   1.00 28.93 ? 13  DC  A "C2'" 1 
ATOM   95  C  "C1'" . DC  A 1 5 ? 2.085   0.320   4.075   1.00 26.30 ? 13  DC  A "C1'" 1 
ATOM   96  N  N1    . DC  A 1 5 ? 1.744   0.627   2.678   1.00 25.81 ? 13  DC  A N1    1 
ATOM   97  C  C2    . DC  A 1 5 ? 2.745   0.438   1.722   1.00 23.70 ? 13  DC  A C2    1 
ATOM   98  O  O2    . DC  A 1 5 ? 3.876   0.088   2.102   1.00 27.07 ? 13  DC  A O2    1 
ATOM   99  N  N3    . DC  A 1 5 ? 2.465   0.667   0.425   1.00 22.95 ? 13  DC  A N3    1 
ATOM   100 C  C4    . DC  A 1 5 ? 1.241   1.051   0.064   1.00 27.04 ? 13  DC  A C4    1 
ATOM   101 N  N4    . DC  A 1 5 ? 1.016   1.267   -1.224  1.00 27.95 ? 13  DC  A N4    1 
ATOM   102 C  C5    . DC  A 1 5 ? 0.203   1.251   1.017   1.00 28.26 ? 13  DC  A C5    1 
ATOM   103 C  C6    . DC  A 1 5 ? 0.488   1.001   2.297   1.00 28.58 ? 13  DC  A C6    1 
ATOM   104 P  P     . DC  A 1 6 ? 3.237   4.486   6.276   1.00 32.76 ? 14  DC  A P     1 
ATOM   105 O  OP1   . DC  A 1 6 ? 3.555   4.957   7.631   1.00 41.22 ? 14  DC  A OP1   1 
ATOM   106 O  OP2   . DC  A 1 6 ? 2.362   5.295   5.352   1.00 32.18 ? 14  DC  A OP2   1 
ATOM   107 O  "O5'" . DC  A 1 6 ? 4.626   4.304   5.521   1.00 35.99 ? 14  DC  A "O5'" 1 
ATOM   108 C  "C5'" . DC  A 1 6 ? 5.727   3.719   6.189   1.00 32.32 ? 14  DC  A "C5'" 1 
ATOM   109 C  "C4'" . DC  A 1 6 ? 6.823   3.527   5.176   1.00 28.50 ? 14  DC  A "C4'" 1 
ATOM   110 O  "O4'" . DC  A 1 6 ? 6.332   2.641   4.166   1.00 29.25 ? 14  DC  A "O4'" 1 
ATOM   111 C  "C3'" . DC  A 1 6 ? 7.250   4.743   4.379   1.00 28.56 ? 14  DC  A "C3'" 1 
ATOM   112 O  "O3'" . DC  A 1 6 ? 8.168   5.488   5.157   1.00 29.60 ? 14  DC  A "O3'" 1 
ATOM   113 C  "C2'" . DC  A 1 6 ? 7.991   4.055   3.242   1.00 26.14 ? 14  DC  A "C2'" 1 
ATOM   114 C  "C1'" . DC  A 1 6 ? 7.006   2.945   2.942   1.00 27.77 ? 14  DC  A "C1'" 1 
ATOM   115 N  N1    . DC  A 1 6 ? 5.978   3.264   1.957   1.00 25.81 ? 14  DC  A N1    1 
ATOM   116 C  C2    . DC  A 1 6 ? 6.339   3.294   0.605   1.00 22.80 ? 14  DC  A C2    1 
ATOM   117 O  O2    . DC  A 1 6 ? 7.526   3.134   0.306   1.00 28.66 ? 14  DC  A O2    1 
ATOM   118 N  N3    . DC  A 1 6 ? 5.397   3.546   -0.328  1.00 24.48 ? 14  DC  A N3    1 
ATOM   119 C  C4    . DC  A 1 6 ? 4.136   3.769   0.047   1.00 23.21 ? 14  DC  A C4    1 
ATOM   120 N  N4    . DC  A 1 6 ? 3.230   3.964   -0.905  1.00 25.79 ? 14  DC  A N4    1 
ATOM   121 C  C5    . DC  A 1 6 ? 3.743   3.742   1.411   1.00 22.96 ? 14  DC  A C5    1 
ATOM   122 C  C6    . DC  A 1 6 ? 4.694   3.523   2.331   1.00 23.00 ? 14  DC  A C6    1 
ATOM   123 P  P     . DT  A 1 7 ? 8.460   7.019   4.887   1.00 29.19 ? 15  DT  A P     1 
ATOM   124 O  OP1   . DT  A 1 7 ? 9.452   7.428   5.923   1.00 33.44 ? 15  DT  A OP1   1 
ATOM   125 O  OP2   . DT  A 1 7 ? 7.110   7.729   4.627   1.00 28.88 ? 15  DT  A OP2   1 
ATOM   126 O  "O5'" . DT  A 1 7 ? 9.236   7.097   3.501   1.00 29.30 ? 15  DT  A "O5'" 1 
ATOM   127 C  "C5'" . DT  A 1 7 ? 10.566  6.640   3.368   1.00 30.23 ? 15  DT  A "C5'" 1 
ATOM   128 C  "C4'" . DT  A 1 7 ? 10.991  6.808   1.929   1.00 29.41 ? 15  DT  A "C4'" 1 
ATOM   129 O  "O4'" . DT  A 1 7 ? 10.188  5.973   1.084   1.00 28.58 ? 15  DT  A "O4'" 1 
ATOM   130 C  "C3'" . DT  A 1 7 ? 10.838  8.194   1.328   1.00 26.42 ? 15  DT  A "C3'" 1 
ATOM   131 O  "O3'" . DT  A 1 7 ? 11.978  8.924   1.739   1.00 31.06 ? 15  DT  A "O3'" 1 
ATOM   132 C  "C2'" . DT  A 1 7 ? 10.875  7.878   -0.148  1.00 26.90 ? 15  DT  A "C2'" 1 
ATOM   133 C  "C1'" . DT  A 1 7 ? 10.053  6.609   -0.185  1.00 29.12 ? 15  DT  A "C1'" 1 
ATOM   134 N  N1    . DT  A 1 7 ? 8.625   6.816   -0.431  1.00 23.27 ? 15  DT  A N1    1 
ATOM   135 C  C2    . DT  A 1 7 ? 8.239   6.880   -1.749  1.00 25.96 ? 15  DT  A C2    1 
ATOM   136 O  O2    . DT  A 1 7 ? 9.035   6.926   -2.675  1.00 31.11 ? 15  DT  A O2    1 
ATOM   137 N  N3    . DT  A 1 7 ? 6.896   7.020   -1.937  1.00 25.80 ? 15  DT  A N3    1 
ATOM   138 C  C4    . DT  A 1 7 ? 5.904   6.982   -0.974  1.00 24.22 ? 15  DT  A C4    1 
ATOM   139 O  O4    . DT  A 1 7 ? 4.713   7.086   -1.308  1.00 26.91 ? 15  DT  A O4    1 
ATOM   140 C  C5    . DT  A 1 7 ? 6.374   6.949   0.380   1.00 23.46 ? 15  DT  A C5    1 
ATOM   141 C  C7    . DT  A 1 7 ? 5.373   7.027   1.488   1.00 25.68 ? 15  DT  A C7    1 
ATOM   142 C  C6    . DT  A 1 7 ? 7.694   6.840   0.588   1.00 26.96 ? 15  DT  A C6    1 
ATOM   143 P  P     . DC  A 1 8 ? 11.962  10.486  1.926   1.00 32.23 ? 16  DC  A P     1 
ATOM   144 O  OP1   . DC  A 1 8 ? 13.311  10.898  2.459   1.00 41.84 ? 16  DC  A OP1   1 
ATOM   145 O  OP2   . DC  A 1 8 ? 10.705  10.881  2.592   1.00 35.40 ? 16  DC  A OP2   1 
ATOM   146 O  "O5'" . DC  A 1 8 ? 11.808  11.033  0.453   1.00 35.24 ? 16  DC  A "O5'" 1 
ATOM   147 C  "C5'" . DC  A 1 8 ? 12.845  10.828  -0.483  1.00 37.31 ? 16  DC  A "C5'" 1 
ATOM   148 C  "C4'" . DC  A 1 8 ? 12.415  11.380  -1.818  1.00 38.12 ? 16  DC  A "C4'" 1 
ATOM   149 O  "O4'" . DC  A 1 8 ? 11.396  10.501  -2.321  1.00 36.57 ? 16  DC  A "O4'" 1 
ATOM   150 C  "C3'" . DC  A 1 8 ? 11.748  12.752  -1.765  1.00 46.11 ? 16  DC  A "C3'" 1 
ATOM   151 O  "O3'" . DC  A 1 8 ? 12.670  13.808  -1.996  1.00 57.19 ? 16  DC  A "O3'" 1 
ATOM   152 C  "C2'" . DC  A 1 8 ? 10.822  12.717  -2.956  1.00 48.79 ? 16  DC  A "C2'" 1 
ATOM   153 C  "C1'" . DC  A 1 8 ? 10.469  11.249  -3.105  1.00 37.41 ? 16  DC  A "C1'" 1 
ATOM   154 N  N1    . DC  A 1 8 ? 9.107   10.962  -2.638  1.00 33.81 ? 16  DC  A N1    1 
ATOM   155 C  C2    . DC  A 1 8 ? 8.092   10.865  -3.590  1.00 35.59 ? 16  DC  A C2    1 
ATOM   156 O  O2    . DC  A 1 8 ? 8.388   10.932  -4.790  1.00 35.29 ? 16  DC  A O2    1 
ATOM   157 N  N3    . DC  A 1 8 ? 6.830   10.605  -3.186  1.00 28.25 ? 16  DC  A N3    1 
ATOM   158 C  C4    . DC  A 1 8 ? 6.554   10.504  -1.887  1.00 27.62 ? 16  DC  A C4    1 
ATOM   159 N  N4    . DC  A 1 8 ? 5.297   10.289  -1.544  1.00 25.50 ? 16  DC  A N4    1 
ATOM   160 C  C5    . DC  A 1 8 ? 7.565   10.611  -0.890  1.00 27.84 ? 16  DC  A C5    1 
ATOM   161 C  C6    . DC  A 1 8 ? 8.812   10.872  -1.306  1.00 30.96 ? 16  DC  A C6    1 
HETATM 162 MG MG    . MG  B 2 . ? 15.673  9.698   1.900   1.00 44.32 ? 101 MG  A MG    1 
HETATM 163 O  O     . HOH C 3 . ? -1.837  -3.695  -3.901  1.00 48.60 ? 201 HOH A O     1 
HETATM 164 O  O     . HOH C 3 . ? 2.277   7.383   -0.333  1.00 41.25 ? 202 HOH A O     1 
HETATM 165 O  O     . HOH C 3 . ? -4.712  -3.442  -3.786  1.00 47.54 ? 203 HOH A O     1 
HETATM 166 O  O     . HOH C 3 . ? -2.394  -9.428  -8.009  1.00 49.81 ? 204 HOH A O     1 
HETATM 167 O  O     . HOH C 3 . ? 5.528   -0.941  4.174   1.00 33.51 ? 205 HOH A O     1 
HETATM 168 O  O     . HOH C 3 . ? -1.708  2.430   -1.948  1.00 51.99 ? 206 HOH A O     1 
HETATM 169 O  O     . HOH C 3 . ? 0.345   4.917   -0.043  1.00 35.81 ? 207 HOH A O     1 
HETATM 170 O  O     . HOH C 3 . ? -13.658 -3.523  0.293   1.00 50.17 ? 208 HOH A O     1 
HETATM 171 O  O     . HOH C 3 . ? 6.891   0.230   6.498   1.00 49.97 ? 209 HOH A O     1 
HETATM 172 O  O     . HOH C 3 . ? -10.836 -4.177  -10.894 1.00 46.50 ? 210 HOH A O     1 
HETATM 173 O  O     . HOH C 3 . ? 9.625   1.485   5.528   1.00 63.55 ? 211 HOH A O     1 
HETATM 174 O  O     . HOH C 3 . ? -13.886 -3.801  -4.115  1.00 53.64 ? 212 HOH A O     1 
HETATM 175 O  O     . HOH C 3 . ? 13.563  7.267   5.257   1.00 59.77 ? 213 HOH A O     1 
# 
loop_
_atom_site_anisotrop.id 
_atom_site_anisotrop.type_symbol 
_atom_site_anisotrop.pdbx_label_atom_id 
_atom_site_anisotrop.pdbx_label_alt_id 
_atom_site_anisotrop.pdbx_label_comp_id 
_atom_site_anisotrop.pdbx_label_asym_id 
_atom_site_anisotrop.pdbx_label_seq_id 
_atom_site_anisotrop.pdbx_PDB_ins_code 
_atom_site_anisotrop.U[1][1] 
_atom_site_anisotrop.U[2][2] 
_atom_site_anisotrop.U[3][3] 
_atom_site_anisotrop.U[1][2] 
_atom_site_anisotrop.U[1][3] 
_atom_site_anisotrop.U[2][3] 
_atom_site_anisotrop.pdbx_auth_seq_id 
_atom_site_anisotrop.pdbx_auth_comp_id 
_atom_site_anisotrop.pdbx_auth_asym_id 
_atom_site_anisotrop.pdbx_auth_atom_id 
1   O  "O5'" . DG  A 1 ? 0.5280 0.5315 0.5923 0.0380  -0.1754 0.0695  9   DG  A "O5'" 
2   C  "C5'" . DG  A 1 ? 0.5012 0.4723 0.4693 0.0583  -0.1158 -0.0080 9   DG  A "C5'" 
3   C  "C4'" . DG  A 1 ? 0.4642 0.3694 0.4116 0.0572  -0.1273 -0.0896 9   DG  A "C4'" 
4   O  "O4'" . DG  A 1 ? 0.4031 0.3993 0.3629 0.0504  -0.0871 -0.0118 9   DG  A "O4'" 
5   C  "C3'" . DG  A 1 ? 0.4025 0.3283 0.3780 0.1074  -0.1372 -0.0475 9   DG  A "C3'" 
6   O  "O3'" . DG  A 1 ? 0.4366 0.3389 0.5570 0.1009  -0.1498 -0.1021 9   DG  A "O3'" 
7   C  "C2'" . DG  A 1 ? 0.4260 0.3534 0.3998 0.0497  -0.0263 -0.0986 9   DG  A "C2'" 
8   C  "C1'" . DG  A 1 ? 0.3663 0.3986 0.3058 0.0964  -0.0174 -0.0418 9   DG  A "C1'" 
9   N  N9    . DG  A 1 ? 0.3793 0.3558 0.3502 0.0644  -0.0511 -0.0791 9   DG  A N9    
10  C  C8    . DG  A 1 ? 0.4069 0.2781 0.3207 0.0231  -0.0582 -0.0357 9   DG  A C8    
11  N  N7    . DG  A 1 ? 0.4201 0.3340 0.2805 0.0648  -0.0534 -0.0502 9   DG  A N7    
12  C  C5    . DG  A 1 ? 0.3442 0.2624 0.3027 0.0530  -0.0354 -0.0433 9   DG  A C5    
13  C  C6    . DG  A 1 ? 0.3694 0.3079 0.3156 0.0061  -0.0361 -0.0449 9   DG  A C6    
14  O  O6    . DG  A 1 ? 0.3557 0.3037 0.3403 0.0319  -0.0555 -0.0681 9   DG  A O6    
15  N  N1    . DG  A 1 ? 0.3260 0.3202 0.2687 0.0209  -0.0038 -0.0880 9   DG  A N1    
16  C  C2    . DG  A 1 ? 0.3541 0.3194 0.3081 -0.0025 -0.0123 -0.0220 9   DG  A C2    
17  N  N2    . DG  A 1 ? 0.4165 0.3846 0.3099 -0.0613 -0.0246 -0.0553 9   DG  A N2    
18  N  N3    . DG  A 1 ? 0.3544 0.3897 0.3486 0.0761  -0.0310 -0.0521 9   DG  A N3    
19  C  C4    . DG  A 1 ? 0.3938 0.2978 0.3261 0.0250  -0.0098 -0.0615 9   DG  A C4    
20  P  P     . DA  A 2 ? 0.5704 0.3523 0.6295 0.0855  -0.0906 -0.0990 10  DA  A P     
21  O  OP1   . DA  A 2 ? 0.7574 0.3331 0.7917 0.2392  -0.2070 -0.2098 10  DA  A OP1   
22  O  OP2   . DA  A 2 ? 0.5360 0.5252 0.7063 0.0744  -0.1578 -0.0252 10  DA  A OP2   
23  O  "O5'" . DA  A 2 ? 0.5138 0.3912 0.4842 0.1154  -0.0379 -0.1068 10  DA  A "O5'" 
24  C  "C5'" . DA  A 2 ? 0.5621 0.4527 0.5818 0.0486  -0.0403 -0.1188 10  DA  A "C5'" 
25  C  "C4'" . DA  A 2 ? 0.4704 0.3854 0.5608 0.0992  -0.0079 -0.1149 10  DA  A "C4'" 
26  O  "O4'" . DA  A 2 ? 0.5609 0.4249 0.4699 0.0958  -0.0813 -0.1503 10  DA  A "O4'" 
27  C  "C3'" . DA  A 2 ? 0.5663 0.3067 0.6552 0.0657  -0.0473 -0.0421 10  DA  A "C3'" 
28  O  "O3'" . DA  A 2 ? 0.5556 0.6001 0.5971 0.1492  -0.0134 -0.1686 10  DA  A "O3'" 
29  C  "C2'" . DA  A 2 ? 0.4413 0.4968 0.4253 -0.0166 -0.0083 -0.0688 10  DA  A "C2'" 
30  C  "C1'" . DA  A 2 ? 0.4956 0.4890 0.4214 0.0468  -0.0478 -0.0641 10  DA  A "C1'" 
31  N  N9    . DA  A 2 ? 0.5202 0.4460 0.3637 0.1304  -0.1284 -0.1142 10  DA  A N9    
32  C  C8    . DA  A 2 ? 0.4842 0.4403 0.3742 0.1166  -0.1502 -0.0859 10  DA  A C8    
33  N  N7    . DA  A 2 ? 0.5229 0.3429 0.4151 0.0398  -0.1210 -0.0437 10  DA  A N7    
34  C  C5    . DA  A 2 ? 0.4928 0.2990 0.3628 0.1130  -0.0397 -0.1344 10  DA  A C5    
35  C  C6    . DA  A 2 ? 0.4466 0.2382 0.3803 0.0144  -0.0591 -0.0272 10  DA  A C6    
36  N  N6    . DA  A 2 ? 0.4253 0.3120 0.3355 0.0268  -0.0805 -0.0781 10  DA  A N6    
37  N  N1    . DA  A 2 ? 0.4625 0.3069 0.3849 -0.0195 -0.0673 -0.0451 10  DA  A N1    
38  C  C2    . DA  A 2 ? 0.4655 0.4952 0.3311 0.1250  -0.0502 -0.0665 10  DA  A C2    
39  N  N3    . DA  A 2 ? 0.5409 0.3930 0.3428 0.0651  -0.1483 -0.0850 10  DA  A N3    
40  C  C4    . DA  A 2 ? 0.4726 0.4346 0.3052 0.0652  -0.1156 -0.0935 10  DA  A C4    
41  P  P     . DG  A 3 ? 0.8645 0.5909 0.6681 0.1010  -0.0129 -0.2509 11  DG  A P     
42  O  OP1   . DG  A 3 ? 0.8373 0.6253 1.0119 0.1086  0.1146  -0.2930 11  DG  A OP1   
43  O  OP2   . DG  A 3 ? 0.6430 0.4896 0.6863 0.1366  -0.1045 -0.1059 11  DG  A OP2   
44  O  "O5'" . DG  A 3 ? 0.6933 0.4992 0.6827 0.0410  0.0411  -0.0869 11  DG  A "O5'" 
45  C  "C5'" . DG  A 3 ? 0.7372 0.7185 0.6468 0.0898  0.0185  -0.0376 11  DG  A "C5'" 
46  C  "C4'" . DG  A 3 ? 0.5363 0.4792 0.5950 0.0548  0.0808  -0.1004 11  DG  A "C4'" 
47  O  "O4'" . DG  A 3 ? 0.3798 0.5536 0.6615 -0.0079 0.0754  -0.1894 11  DG  A "O4'" 
48  C  "C3'" . DG  A 3 ? 0.4891 0.6208 0.5732 0.0561  0.1809  -0.1628 11  DG  A "C3'" 
49  O  "O3'" . DG  A 3 ? 0.4163 0.5954 0.9027 0.1250  0.1875  -0.2437 11  DG  A "O3'" 
50  C  "C2'" . DG  A 3 ? 0.4784 0.5683 0.6118 -0.0499 0.0749  -0.1516 11  DG  A "C2'" 
51  C  "C1'" . DG  A 3 ? 0.4752 0.6448 0.4479 0.0897  0.0308  -0.1680 11  DG  A "C1'" 
52  N  N9    . DG  A 3 ? 0.4332 0.5428 0.3896 0.0962  -0.0360 -0.1406 11  DG  A N9    
53  C  C8    . DG  A 3 ? 0.3504 0.5128 0.3881 0.0397  0.0825  -0.0576 11  DG  A C8    
54  N  N7    . DG  A 3 ? 0.3734 0.3681 0.3730 0.0485  0.0429  -0.1059 11  DG  A N7    
55  C  C5    . DG  A 3 ? 0.4060 0.3226 0.3905 0.0361  -0.0180 -0.0873 11  DG  A C5    
56  C  C6    . DG  A 3 ? 0.4045 0.2619 0.3684 0.0213  0.0002  -0.0616 11  DG  A C6    
57  O  O6    . DG  A 3 ? 0.4021 0.3216 0.3620 -0.0193 -0.0205 -0.0604 11  DG  A O6    
58  N  N1    . DG  A 3 ? 0.3262 0.2219 0.3617 0.0015  0.0281  -0.0714 11  DG  A N1    
59  C  C2    . DG  A 3 ? 0.3793 0.2551 0.3921 -0.0203 0.0348  -0.0624 11  DG  A C2    
60  N  N2    . DG  A 3 ? 0.3884 0.3935 0.3199 0.0245  0.0943  -0.0310 11  DG  A N2    
61  N  N3    . DG  A 3 ? 0.3879 0.3619 0.3813 0.0254  0.0343  -0.1189 11  DG  A N3    
62  C  C4    . DG  A 3 ? 0.3989 0.3114 0.4483 0.0385  -0.0059 -0.0284 11  DG  A C4    
63  P  P     . DG  A 4 ? 0.5795 0.5674 0.6364 0.1516  0.1055  -0.2486 12  DG  A P     
64  O  OP1   . DG  A 4 ? 0.8280 0.9795 0.7169 0.3910  0.0134  -0.4819 12  DG  A OP1   
65  O  OP2   . DG  A 4 ? 0.4482 0.7410 0.8025 0.0787  0.1260  -0.0621 12  DG  A OP2   
66  O  "O5'" . DG  A 4 ? 0.4710 0.6586 0.8509 0.2185  0.0862  -0.1346 12  DG  A "O5'" 
67  C  "C5'" . DG  A 4 ? 0.4384 0.5483 0.7533 0.0220  0.3108  -0.1278 12  DG  A "C5'" 
68  C  "C4'" . DG  A 4 ? 0.5384 0.5737 0.5349 -0.0289 0.2224  -0.1793 12  DG  A "C4'" 
69  O  "O4'" . DG  A 4 ? 0.3993 0.6506 0.4901 -0.0794 0.1987  -0.2084 12  DG  A "O4'" 
70  C  "C3'" . DG  A 4 ? 0.5237 0.4784 0.4173 0.0382  0.1866  -0.1599 12  DG  A "C3'" 
71  O  "O3'" . DG  A 4 ? 0.4189 0.5217 0.4209 -0.0255 0.1763  -0.1633 12  DG  A "O3'" 
72  C  "C2'" . DG  A 4 ? 0.3971 0.3449 0.4809 -0.0433 0.1113  -0.1079 12  DG  A "C2'" 
73  C  "C1'" . DG  A 4 ? 0.4122 0.4094 0.4281 -0.0822 0.2013  -0.1140 12  DG  A "C1'" 
74  N  N9    . DG  A 4 ? 0.3709 0.3550 0.4421 -0.0083 0.1072  -0.0712 12  DG  A N9    
75  C  C8    . DG  A 4 ? 0.4232 0.4690 0.3614 0.0045  0.0719  -0.0578 12  DG  A C8    
76  N  N7    . DG  A 4 ? 0.4165 0.3576 0.3817 0.0181  0.0919  -0.1311 12  DG  A N7    
77  C  C5    . DG  A 4 ? 0.3628 0.3664 0.3665 0.0047  0.0904  -0.0769 12  DG  A C5    
78  C  C6    . DG  A 4 ? 0.3485 0.2393 0.2872 -0.0023 0.0416  -0.0553 12  DG  A C6    
79  O  O6    . DG  A 4 ? 0.3594 0.2787 0.3395 0.0280  -0.0031 -0.0538 12  DG  A O6    
80  N  N1    . DG  A 4 ? 0.3550 0.2346 0.3354 -0.0108 0.0487  -0.0583 12  DG  A N1    
81  C  C2    . DG  A 4 ? 0.2787 0.2106 0.3003 -0.0422 0.0830  -0.0640 12  DG  A C2    
82  N  N2    . DG  A 4 ? 0.3431 0.2866 0.2824 0.0011  0.0369  -0.0352 12  DG  A N2    
83  N  N3    . DG  A 4 ? 0.2869 0.2687 0.3317 0.0063  0.1087  -0.0517 12  DG  A N3    
84  C  C4    . DG  A 4 ? 0.3282 0.2239 0.3583 0.0000  0.0628  -0.0699 12  DG  A C4    
85  P  P     . DC  A 5 ? 0.4512 0.4870 0.4417 0.0204  0.1214  -0.1330 13  DC  A P     
86  O  OP1   . DC  A 5 ? 0.5599 0.6467 0.4493 0.0434  0.1294  -0.2724 13  DC  A OP1   
87  O  OP2   . DC  A 5 ? 0.5946 0.4434 0.4301 0.0206  0.0950  -0.1303 13  DC  A OP2   
88  O  "O5'" . DC  A 5 ? 0.4464 0.4951 0.5421 0.0394  0.0823  -0.1223 13  DC  A "O5'" 
89  C  "C5'" . DC  A 5 ? 0.4799 0.3017 0.4377 0.0206  0.0610  -0.1355 13  DC  A "C5'" 
90  C  "C4'" . DC  A 5 ? 0.4198 0.3269 0.4024 -0.0606 0.0391  -0.0923 13  DC  A "C4'" 
91  O  "O4'" . DC  A 5 ? 0.3827 0.3345 0.4050 -0.0698 0.0968  -0.0941 13  DC  A "O4'" 
92  C  "C3'" . DC  A 5 ? 0.3228 0.4038 0.4191 -0.0129 0.0253  -0.0244 13  DC  A "C3'" 
93  O  "O3'" . DC  A 5 ? 0.4673 0.3745 0.4002 -0.0648 0.0754  -0.0244 13  DC  A "O3'" 
94  C  "C2'" . DC  A 5 ? 0.3738 0.2757 0.4497 -0.0392 0.0229  -0.0225 13  DC  A "C2'" 
95  C  "C1'" . DC  A 5 ? 0.3165 0.2678 0.4150 -0.0407 0.0820  -0.0436 13  DC  A "C1'" 
96  N  N1    . DC  A 5 ? 0.3519 0.2516 0.3769 -0.0005 0.0955  -0.0218 13  DC  A N1    
97  C  C2    . DC  A 5 ? 0.2800 0.2606 0.3596 -0.0132 0.0829  -0.0291 13  DC  A C2    
98  O  O2    . DC  A 5 ? 0.3262 0.2593 0.4428 0.0163  0.0786  -0.0398 13  DC  A O2    
99  N  N3    . DC  A 5 ? 0.3202 0.2136 0.3381 -0.0002 0.0377  -0.0567 13  DC  A N3    
100 C  C4    . DC  A 5 ? 0.2597 0.3421 0.4253 0.0067  0.0163  -0.0001 13  DC  A C4    
101 N  N4    . DC  A 5 ? 0.3842 0.2579 0.4199 -0.0035 0.0016  -0.0485 13  DC  A N4    
102 C  C5    . DC  A 5 ? 0.3288 0.3239 0.4210 -0.0410 0.0871  -0.0517 13  DC  A C5    
103 C  C6    . DC  A 5 ? 0.3176 0.3073 0.4608 0.0135  0.0712  -0.0262 13  DC  A C6    
104 P  P     . DC  A 6 ? 0.4578 0.3425 0.4442 -0.0437 0.0309  -0.0635 14  DC  A P     
105 O  OP1   . DC  A 6 ? 0.6513 0.4620 0.4525 -0.0897 0.0508  -0.1985 14  DC  A OP1   
106 O  OP2   . DC  A 6 ? 0.3909 0.3513 0.4802 0.0109  0.0509  -0.0502 14  DC  A OP2   
107 O  "O5'" . DC  A 6 ? 0.4240 0.4197 0.5236 -0.0735 0.0525  0.0017  14  DC  A "O5'" 
108 C  "C5'" . DC  A 6 ? 0.5116 0.2814 0.4350 0.0050  0.0281  -0.0498 14  DC  A "C5'" 
109 C  "C4'" . DC  A 6 ? 0.3570 0.2949 0.4309 -0.0036 -0.0491 -0.0579 14  DC  A "C4'" 
110 O  "O4'" . DC  A 6 ? 0.3867 0.3033 0.4213 -0.0355 -0.0154 -0.0425 14  DC  A "O4'" 
111 C  "C3'" . DC  A 6 ? 0.3904 0.3159 0.3787 0.0695  0.0055  -0.0396 14  DC  A "C3'" 
112 O  "O3'" . DC  A 6 ? 0.4144 0.3704 0.3396 0.0375  0.0258  0.0194  14  DC  A "O3'" 
113 C  "C2'" . DC  A 6 ? 0.3386 0.2729 0.3817 0.0360  -0.0484 -0.0832 14  DC  A "C2'" 
114 C  "C1'" . DC  A 6 ? 0.3859 0.2613 0.4078 -0.0159 -0.0120 -0.0382 14  DC  A "C1'" 
115 N  N1    . DC  A 6 ? 0.3559 0.2895 0.3352 -0.0148 0.0149  0.0072  14  DC  A N1    
116 C  C2    . DC  A 6 ? 0.3667 0.1990 0.3004 -0.0318 -0.0197 -0.0401 14  DC  A C2    
117 O  O2    . DC  A 6 ? 0.3972 0.2751 0.4165 0.0002  0.0379  -0.0872 14  DC  A O2    
118 N  N3    . DC  A 6 ? 0.2799 0.2722 0.3776 -0.0327 0.0190  -0.0208 14  DC  A N3    
119 C  C4    . DC  A 6 ? 0.2785 0.2336 0.3699 -0.0034 0.0335  0.0316  14  DC  A C4    
120 N  N4    . DC  A 6 ? 0.3293 0.2538 0.3966 0.0639  0.0115  -0.0311 14  DC  A N4    
121 C  C5    . DC  A 6 ? 0.2937 0.2090 0.3696 -0.0089 0.0438  -0.0087 14  DC  A C5    
122 C  C6    . DC  A 6 ? 0.3480 0.1443 0.3815 -0.0072 0.0311  -0.0484 14  DC  A C6    
123 P  P     . DT  A 7 ? 0.4078 0.3162 0.3851 -0.0308 -0.0178 -0.0474 15  DT  A P     
124 O  OP1   . DT  A 7 ? 0.4871 0.3884 0.3950 -0.0586 -0.0329 -0.1514 15  DT  A OP1   
125 O  OP2   . DT  A 7 ? 0.4091 0.3003 0.3876 0.0108  0.0195  -0.0931 15  DT  A OP2   
126 O  "O5'" . DT  A 7 ? 0.3294 0.3321 0.4514 -0.0496 0.0113  -0.0234 15  DT  A "O5'" 
127 C  "C5'" . DT  A 7 ? 0.3246 0.3574 0.4666 0.0034  -0.1022 -0.0141 15  DT  A "C5'" 
128 C  "C4'" . DT  A 7 ? 0.2998 0.3648 0.4527 0.0172  -0.0929 0.0067  15  DT  A "C4'" 
129 O  "O4'" . DT  A 7 ? 0.3379 0.2965 0.4515 0.0309  -0.0448 -0.0035 15  DT  A "O4'" 
130 C  "C3'" . DT  A 7 ? 0.3300 0.3243 0.3493 0.0256  -0.0084 -0.0407 15  DT  A "C3'" 
131 O  "O3'" . DT  A 7 ? 0.3374 0.3216 0.5209 -0.0055 0.0094  -0.0378 15  DT  A "O3'" 
132 C  "C2'" . DT  A 7 ? 0.2647 0.4038 0.3535 0.0240  -0.0034 0.0193  15  DT  A "C2'" 
133 C  "C1'" . DT  A 7 ? 0.3019 0.3775 0.4267 0.0722  -0.0080 0.0117  15  DT  A "C1'" 
134 N  N1    . DT  A 7 ? 0.2887 0.2608 0.3346 -0.0078 -0.0127 0.0026  15  DT  A N1    
135 C  C2    . DT  A 7 ? 0.3901 0.2288 0.3675 0.0035  -0.0607 -0.0052 15  DT  A C2    
136 O  O2    . DT  A 7 ? 0.3993 0.3167 0.4657 0.0394  -0.0566 0.0142  15  DT  A O2    
137 N  N3    . DT  A 7 ? 0.3355 0.2299 0.4146 0.0087  -0.0413 -0.0001 15  DT  A N3    
138 C  C4    . DT  A 7 ? 0.3526 0.2243 0.3433 -0.0067 -0.0452 0.0503  15  DT  A C4    
139 O  O4    . DT  A 7 ? 0.3366 0.2116 0.4742 0.0155  -0.0965 0.0278  15  DT  A O4    
140 C  C5    . DT  A 7 ? 0.3376 0.1726 0.3810 -0.0499 -0.0142 0.0156  15  DT  A C5    
141 C  C7    . DT  A 7 ? 0.3673 0.1925 0.4158 -0.0299 0.0480  0.0357  15  DT  A C7    
142 C  C6    . DT  A 7 ? 0.3606 0.2791 0.3845 -0.0742 0.0375  0.0061  15  DT  A C6    
143 P  P     . DC  A 8 ? 0.3240 0.3620 0.5382 0.0134  -0.0044 -0.0807 16  DC  A P     
144 O  OP1   . DC  A 8 ? 0.3859 0.3896 0.8142 -0.0376 -0.1281 -0.0861 16  DC  A OP1   
145 O  OP2   . DC  A 8 ? 0.3292 0.4076 0.6081 0.0653  0.0265  -0.1478 16  DC  A OP2   
146 O  "O5'" . DC  A 8 ? 0.3873 0.4422 0.5092 -0.0276 -0.0014 -0.0696 16  DC  A "O5'" 
147 C  "C5'" . DC  A 8 ? 0.2947 0.5726 0.5503 -0.0680 0.0254  0.0667  16  DC  A "C5'" 
148 C  "C4'" . DC  A 8 ? 0.4418 0.4994 0.5070 -0.0772 -0.0248 0.0383  16  DC  A "C4'" 
149 O  "O4'" . DC  A 8 ? 0.3385 0.5010 0.5498 -0.0413 -0.0594 0.0717  16  DC  A "O4'" 
150 C  "C3'" . DC  A 8 ? 0.6329 0.4905 0.6283 -0.0469 0.0261  0.1296  16  DC  A "C3'" 
151 O  "O3'" . DC  A 8 ? 0.4362 0.8608 0.8757 -0.0961 0.0515  0.3597  16  DC  A "O3'" 
152 C  "C2'" . DC  A 8 ? 0.4201 0.5721 0.8612 -0.0949 -0.0675 0.1823  16  DC  A "C2'" 
153 C  "C1'" . DC  A 8 ? 0.3114 0.5191 0.5908 0.0591  0.0107  0.1191  16  DC  A "C1'" 
154 N  N1    . DC  A 8 ? 0.3298 0.4558 0.4989 0.0322  0.0127  -0.0099 16  DC  A N1    
155 C  C2    . DC  A 8 ? 0.4226 0.3937 0.5359 -0.0058 -0.0572 0.1243  16  DC  A C2    
156 O  O2    . DC  A 8 ? 0.3501 0.4665 0.5240 0.0250  -0.0310 0.1189  16  DC  A O2    
157 N  N3    . DC  A 8 ? 0.3936 0.2527 0.4270 0.0324  0.0000  -0.0255 16  DC  A N3    
158 C  C4    . DC  A 8 ? 0.3657 0.2554 0.4281 0.0626  -0.0406 -0.0431 16  DC  A C4    
159 N  N4    . DC  A 8 ? 0.3562 0.2712 0.3413 0.0202  -0.0255 0.0056  16  DC  A N4    
160 C  C5    . DC  A 8 ? 0.3499 0.3097 0.3977 0.0434  -0.0431 0.0237  16  DC  A C5    
161 C  C6    . DC  A 8 ? 0.3854 0.4097 0.3810 0.0704  -0.1110 -0.0573 16  DC  A C6    
162 MG MG    . MG  B . ? 0.4816 0.7034 0.4989 -0.0012 -0.0265 -0.0439 101 MG  A MG    
163 O  O     . HOH C . ? 0.5323 0.5271 0.7872 0.0338  -0.0700 0.0596  201 HOH A O     
164 O  O     . HOH C . ? 0.4623 0.3275 0.7772 0.0739  0.0397  -0.0119 202 HOH A O     
165 O  O     . HOH C . ? 0.5908 0.6737 0.5415 -0.0189 0.0909  -0.0761 203 HOH A O     
166 O  O     . HOH C . ? 0.5627 0.6118 0.7177 -0.0025 0.0939  0.0022  204 HOH A O     
167 O  O     . HOH C . ? 0.5014 0.3412 0.4307 0.0078  -0.0168 -0.0064 205 HOH A O     
168 O  O     . HOH C . ? 0.4446 0.9017 0.6292 0.1711  -0.0455 0.0510  206 HOH A O     
169 O  O     . HOH C . ? 0.3700 0.3769 0.6135 0.0342  0.0739  0.0124  207 HOH A O     
170 O  O     . HOH C . ? 0.6762 0.5557 0.6740 0.0849  -0.0114 -0.1214 208 HOH A O     
171 O  O     . HOH C . ? 0.6232 0.6092 0.6660 0.2041  -0.1205 -0.0796 209 HOH A O     
172 O  O     . HOH C . ? 0.5042 0.6953 0.5669 0.0242  0.0043  -0.0674 210 HOH A O     
173 O  O     . HOH C . ? 0.7675 1.1348 0.5120 0.5466  -0.1527 -0.1672 211 HOH A O     
174 O  O     . HOH C . ? 0.8280 0.4641 0.7457 0.1651  0.0565  -0.0669 212 HOH A O     
175 O  O     . HOH C . ? 0.3882 1.3296 0.5531 0.1674  0.0110  -0.0607 213 HOH A O     
# 
loop_
_pdbx_poly_seq_scheme.asym_id 
_pdbx_poly_seq_scheme.entity_id 
_pdbx_poly_seq_scheme.seq_id 
_pdbx_poly_seq_scheme.mon_id 
_pdbx_poly_seq_scheme.ndb_seq_num 
_pdbx_poly_seq_scheme.pdb_seq_num 
_pdbx_poly_seq_scheme.auth_seq_num 
_pdbx_poly_seq_scheme.pdb_mon_id 
_pdbx_poly_seq_scheme.auth_mon_id 
_pdbx_poly_seq_scheme.pdb_strand_id 
_pdbx_poly_seq_scheme.pdb_ins_code 
_pdbx_poly_seq_scheme.hetero 
A 1 1 DG 1 9  9  DG DG A . n 
A 1 2 DA 2 10 10 DA DA A . n 
A 1 3 DG 3 11 11 DG DG A . n 
A 1 4 DG 4 12 12 DG DG A . n 
A 1 5 DC 5 13 13 DC DC A . n 
A 1 6 DC 6 14 14 DC DC A . n 
A 1 7 DT 7 15 15 DT DT A . n 
A 1 8 DC 8 16 16 DC DC A . n 
# 
loop_
_pdbx_nonpoly_scheme.asym_id 
_pdbx_nonpoly_scheme.entity_id 
_pdbx_nonpoly_scheme.mon_id 
_pdbx_nonpoly_scheme.ndb_seq_num 
_pdbx_nonpoly_scheme.pdb_seq_num 
_pdbx_nonpoly_scheme.auth_seq_num 
_pdbx_nonpoly_scheme.pdb_mon_id 
_pdbx_nonpoly_scheme.auth_mon_id 
_pdbx_nonpoly_scheme.pdb_strand_id 
_pdbx_nonpoly_scheme.pdb_ins_code 
B 2 MG  1  101 1  MG  MG  A . 
C 3 HOH 1  201 2  HOH HOH A . 
C 3 HOH 2  202 5  HOH HOH A . 
C 3 HOH 3  203 20 HOH HOH A . 
C 3 HOH 4  204 18 HOH HOH A . 
C 3 HOH 5  205 1  HOH HOH A . 
C 3 HOH 6  206 16 HOH HOH A . 
C 3 HOH 7  207 21 HOH HOH A . 
C 3 HOH 8  208 22 HOH HOH A . 
C 3 HOH 9  209 3  HOH HOH A . 
C 3 HOH 10 210 19 HOH HOH A . 
C 3 HOH 11 211 15 HOH HOH A . 
C 3 HOH 12 212 17 HOH HOH A . 
C 3 HOH 13 213 11 HOH HOH A . 
# 
_pdbx_struct_assembly.id                   1 
_pdbx_struct_assembly.details              author_and_software_defined_assembly 
_pdbx_struct_assembly.method_details       PISA 
_pdbx_struct_assembly.oligomeric_details   dimeric 
_pdbx_struct_assembly.oligomeric_count     2 
# 
_pdbx_struct_assembly_gen.assembly_id       1 
_pdbx_struct_assembly_gen.oper_expression   1,2 
_pdbx_struct_assembly_gen.asym_id_list      A,B,C 
# 
loop_
_pdbx_struct_assembly_prop.biol_id 
_pdbx_struct_assembly_prop.type 
_pdbx_struct_assembly_prop.value 
_pdbx_struct_assembly_prop.details 
1 'ABSA (A^2)' 930  ? 
1 MORE         -16  ? 
1 'SSA (A^2)'  3090 ? 
# 
loop_
_pdbx_struct_oper_list.id 
_pdbx_struct_oper_list.type 
_pdbx_struct_oper_list.name 
_pdbx_struct_oper_list.symmetry_operation 
_pdbx_struct_oper_list.matrix[1][1] 
_pdbx_struct_oper_list.matrix[1][2] 
_pdbx_struct_oper_list.matrix[1][3] 
_pdbx_struct_oper_list.vector[1] 
_pdbx_struct_oper_list.matrix[2][1] 
_pdbx_struct_oper_list.matrix[2][2] 
_pdbx_struct_oper_list.matrix[2][3] 
_pdbx_struct_oper_list.vector[2] 
_pdbx_struct_oper_list.matrix[3][1] 
_pdbx_struct_oper_list.matrix[3][2] 
_pdbx_struct_oper_list.matrix[3][3] 
_pdbx_struct_oper_list.vector[3] 
1 'identity operation'         1_555 x,y,z  1.0000000000  0.0000000000  0.0000000000 0.0000000000 0.0000000000  1.0000000000  0.0000000000  0.0000000000  0.0000000000 0.0000000000  1.0000000000 0.0000000000  
2 'crystal symmetry operation' 7_555 y,x,-z -0.2858324188 -0.2477520135 0.9256990700 3.8122001160 -0.2477520135 -0.9140523012 -0.3211344431 -1.3641073319 0.9256990700 -0.3211344431 0.1998847199 -3.3061609040 
# 
loop_
_pdbx_audit_revision_history.ordinal 
_pdbx_audit_revision_history.data_content_type 
_pdbx_audit_revision_history.major_revision 
_pdbx_audit_revision_history.minor_revision 
_pdbx_audit_revision_history.revision_date 
1 'Structure model' 1 0 2019-01-23 
2 'Structure model' 1 1 2019-12-04 
3 'Structure model' 1 2 2023-10-11 
# 
_pdbx_audit_revision_details.ordinal             1 
_pdbx_audit_revision_details.revision_ordinal    1 
_pdbx_audit_revision_details.data_content_type   'Structure model' 
_pdbx_audit_revision_details.provider            repository 
_pdbx_audit_revision_details.type                'Initial release' 
_pdbx_audit_revision_details.description         ? 
_pdbx_audit_revision_details.details             ? 
# 
loop_
_pdbx_audit_revision_group.ordinal 
_pdbx_audit_revision_group.revision_ordinal 
_pdbx_audit_revision_group.data_content_type 
_pdbx_audit_revision_group.group 
1 2 'Structure model' 'Author supporting evidence' 
2 3 'Structure model' 'Data collection'            
3 3 'Structure model' 'Database references'        
4 3 'Structure model' 'Refinement description'     
# 
loop_
_pdbx_audit_revision_category.ordinal 
_pdbx_audit_revision_category.revision_ordinal 
_pdbx_audit_revision_category.data_content_type 
_pdbx_audit_revision_category.category 
1 2 'Structure model' pdbx_audit_support            
2 3 'Structure model' chem_comp_atom                
3 3 'Structure model' chem_comp_bond                
4 3 'Structure model' database_2                    
5 3 'Structure model' pdbx_initial_refinement_model 
# 
loop_
_pdbx_audit_revision_item.ordinal 
_pdbx_audit_revision_item.revision_ordinal 
_pdbx_audit_revision_item.data_content_type 
_pdbx_audit_revision_item.item 
1 2 'Structure model' '_pdbx_audit_support.funding_organization' 
2 3 'Structure model' '_database_2.pdbx_DOI'                     
3 3 'Structure model' '_database_2.pdbx_database_accession'      
# 
loop_
_software.citation_id 
_software.classification 
_software.compiler_name 
_software.compiler_version 
_software.contact_author 
_software.contact_author_email 
_software.date 
_software.description 
_software.dependencies 
_software.hardware 
_software.language 
_software.location 
_software.mods 
_software.name 
_software.os 
_software.os_version 
_software.type 
_software.version 
_software.pdbx_ordinal 
? refinement       ? ? ? ? ? ? ? ? ? ? ? REFMAC   ? ? ? 5.8.0135 1 
? 'data reduction' ? ? ? ? ? ? ? ? ? ? ? HKL-2000 ? ? ? .        2 
? 'data scaling'   ? ? ? ? ? ? ? ? ? ? ? HKL-2000 ? ? ? .        3 
? phasing          ? ? ? ? ? ? ? ? ? ? ? PHASER   ? ? ? .        4 
# 
loop_
_chem_comp_atom.comp_id 
_chem_comp_atom.atom_id 
_chem_comp_atom.type_symbol 
_chem_comp_atom.pdbx_aromatic_flag 
_chem_comp_atom.pdbx_stereo_config 
_chem_comp_atom.pdbx_ordinal 
DA  OP3    O  N N 1   
DA  P      P  N N 2   
DA  OP1    O  N N 3   
DA  OP2    O  N N 4   
DA  "O5'"  O  N N 5   
DA  "C5'"  C  N N 6   
DA  "C4'"  C  N R 7   
DA  "O4'"  O  N N 8   
DA  "C3'"  C  N S 9   
DA  "O3'"  O  N N 10  
DA  "C2'"  C  N N 11  
DA  "C1'"  C  N R 12  
DA  N9     N  Y N 13  
DA  C8     C  Y N 14  
DA  N7     N  Y N 15  
DA  C5     C  Y N 16  
DA  C6     C  Y N 17  
DA  N6     N  N N 18  
DA  N1     N  Y N 19  
DA  C2     C  Y N 20  
DA  N3     N  Y N 21  
DA  C4     C  Y N 22  
DA  HOP3   H  N N 23  
DA  HOP2   H  N N 24  
DA  "H5'"  H  N N 25  
DA  "H5''" H  N N 26  
DA  "H4'"  H  N N 27  
DA  "H3'"  H  N N 28  
DA  "HO3'" H  N N 29  
DA  "H2'"  H  N N 30  
DA  "H2''" H  N N 31  
DA  "H1'"  H  N N 32  
DA  H8     H  N N 33  
DA  H61    H  N N 34  
DA  H62    H  N N 35  
DA  H2     H  N N 36  
DC  OP3    O  N N 37  
DC  P      P  N N 38  
DC  OP1    O  N N 39  
DC  OP2    O  N N 40  
DC  "O5'"  O  N N 41  
DC  "C5'"  C  N N 42  
DC  "C4'"  C  N R 43  
DC  "O4'"  O  N N 44  
DC  "C3'"  C  N S 45  
DC  "O3'"  O  N N 46  
DC  "C2'"  C  N N 47  
DC  "C1'"  C  N R 48  
DC  N1     N  N N 49  
DC  C2     C  N N 50  
DC  O2     O  N N 51  
DC  N3     N  N N 52  
DC  C4     C  N N 53  
DC  N4     N  N N 54  
DC  C5     C  N N 55  
DC  C6     C  N N 56  
DC  HOP3   H  N N 57  
DC  HOP2   H  N N 58  
DC  "H5'"  H  N N 59  
DC  "H5''" H  N N 60  
DC  "H4'"  H  N N 61  
DC  "H3'"  H  N N 62  
DC  "HO3'" H  N N 63  
DC  "H2'"  H  N N 64  
DC  "H2''" H  N N 65  
DC  "H1'"  H  N N 66  
DC  H41    H  N N 67  
DC  H42    H  N N 68  
DC  H5     H  N N 69  
DC  H6     H  N N 70  
DG  OP3    O  N N 71  
DG  P      P  N N 72  
DG  OP1    O  N N 73  
DG  OP2    O  N N 74  
DG  "O5'"  O  N N 75  
DG  "C5'"  C  N N 76  
DG  "C4'"  C  N R 77  
DG  "O4'"  O  N N 78  
DG  "C3'"  C  N S 79  
DG  "O3'"  O  N N 80  
DG  "C2'"  C  N N 81  
DG  "C1'"  C  N R 82  
DG  N9     N  Y N 83  
DG  C8     C  Y N 84  
DG  N7     N  Y N 85  
DG  C5     C  Y N 86  
DG  C6     C  N N 87  
DG  O6     O  N N 88  
DG  N1     N  N N 89  
DG  C2     C  N N 90  
DG  N2     N  N N 91  
DG  N3     N  N N 92  
DG  C4     C  Y N 93  
DG  HOP3   H  N N 94  
DG  HOP2   H  N N 95  
DG  "H5'"  H  N N 96  
DG  "H5''" H  N N 97  
DG  "H4'"  H  N N 98  
DG  "H3'"  H  N N 99  
DG  "HO3'" H  N N 100 
DG  "H2'"  H  N N 101 
DG  "H2''" H  N N 102 
DG  "H1'"  H  N N 103 
DG  H8     H  N N 104 
DG  H1     H  N N 105 
DG  H21    H  N N 106 
DG  H22    H  N N 107 
DT  OP3    O  N N 108 
DT  P      P  N N 109 
DT  OP1    O  N N 110 
DT  OP2    O  N N 111 
DT  "O5'"  O  N N 112 
DT  "C5'"  C  N N 113 
DT  "C4'"  C  N R 114 
DT  "O4'"  O  N N 115 
DT  "C3'"  C  N S 116 
DT  "O3'"  O  N N 117 
DT  "C2'"  C  N N 118 
DT  "C1'"  C  N R 119 
DT  N1     N  N N 120 
DT  C2     C  N N 121 
DT  O2     O  N N 122 
DT  N3     N  N N 123 
DT  C4     C  N N 124 
DT  O4     O  N N 125 
DT  C5     C  N N 126 
DT  C7     C  N N 127 
DT  C6     C  N N 128 
DT  HOP3   H  N N 129 
DT  HOP2   H  N N 130 
DT  "H5'"  H  N N 131 
DT  "H5''" H  N N 132 
DT  "H4'"  H  N N 133 
DT  "H3'"  H  N N 134 
DT  "HO3'" H  N N 135 
DT  "H2'"  H  N N 136 
DT  "H2''" H  N N 137 
DT  "H1'"  H  N N 138 
DT  H3     H  N N 139 
DT  H71    H  N N 140 
DT  H72    H  N N 141 
DT  H73    H  N N 142 
DT  H6     H  N N 143 
HOH O      O  N N 144 
HOH H1     H  N N 145 
HOH H2     H  N N 146 
MG  MG     MG N N 147 
# 
loop_
_chem_comp_bond.comp_id 
_chem_comp_bond.atom_id_1 
_chem_comp_bond.atom_id_2 
_chem_comp_bond.value_order 
_chem_comp_bond.pdbx_aromatic_flag 
_chem_comp_bond.pdbx_stereo_config 
_chem_comp_bond.pdbx_ordinal 
DA  OP3   P      sing N N 1   
DA  OP3   HOP3   sing N N 2   
DA  P     OP1    doub N N 3   
DA  P     OP2    sing N N 4   
DA  P     "O5'"  sing N N 5   
DA  OP2   HOP2   sing N N 6   
DA  "O5'" "C5'"  sing N N 7   
DA  "C5'" "C4'"  sing N N 8   
DA  "C5'" "H5'"  sing N N 9   
DA  "C5'" "H5''" sing N N 10  
DA  "C4'" "O4'"  sing N N 11  
DA  "C4'" "C3'"  sing N N 12  
DA  "C4'" "H4'"  sing N N 13  
DA  "O4'" "C1'"  sing N N 14  
DA  "C3'" "O3'"  sing N N 15  
DA  "C3'" "C2'"  sing N N 16  
DA  "C3'" "H3'"  sing N N 17  
DA  "O3'" "HO3'" sing N N 18  
DA  "C2'" "C1'"  sing N N 19  
DA  "C2'" "H2'"  sing N N 20  
DA  "C2'" "H2''" sing N N 21  
DA  "C1'" N9     sing N N 22  
DA  "C1'" "H1'"  sing N N 23  
DA  N9    C8     sing Y N 24  
DA  N9    C4     sing Y N 25  
DA  C8    N7     doub Y N 26  
DA  C8    H8     sing N N 27  
DA  N7    C5     sing Y N 28  
DA  C5    C6     sing Y N 29  
DA  C5    C4     doub Y N 30  
DA  C6    N6     sing N N 31  
DA  C6    N1     doub Y N 32  
DA  N6    H61    sing N N 33  
DA  N6    H62    sing N N 34  
DA  N1    C2     sing Y N 35  
DA  C2    N3     doub Y N 36  
DA  C2    H2     sing N N 37  
DA  N3    C4     sing Y N 38  
DC  OP3   P      sing N N 39  
DC  OP3   HOP3   sing N N 40  
DC  P     OP1    doub N N 41  
DC  P     OP2    sing N N 42  
DC  P     "O5'"  sing N N 43  
DC  OP2   HOP2   sing N N 44  
DC  "O5'" "C5'"  sing N N 45  
DC  "C5'" "C4'"  sing N N 46  
DC  "C5'" "H5'"  sing N N 47  
DC  "C5'" "H5''" sing N N 48  
DC  "C4'" "O4'"  sing N N 49  
DC  "C4'" "C3'"  sing N N 50  
DC  "C4'" "H4'"  sing N N 51  
DC  "O4'" "C1'"  sing N N 52  
DC  "C3'" "O3'"  sing N N 53  
DC  "C3'" "C2'"  sing N N 54  
DC  "C3'" "H3'"  sing N N 55  
DC  "O3'" "HO3'" sing N N 56  
DC  "C2'" "C1'"  sing N N 57  
DC  "C2'" "H2'"  sing N N 58  
DC  "C2'" "H2''" sing N N 59  
DC  "C1'" N1     sing N N 60  
DC  "C1'" "H1'"  sing N N 61  
DC  N1    C2     sing N N 62  
DC  N1    C6     sing N N 63  
DC  C2    O2     doub N N 64  
DC  C2    N3     sing N N 65  
DC  N3    C4     doub N N 66  
DC  C4    N4     sing N N 67  
DC  C4    C5     sing N N 68  
DC  N4    H41    sing N N 69  
DC  N4    H42    sing N N 70  
DC  C5    C6     doub N N 71  
DC  C5    H5     sing N N 72  
DC  C6    H6     sing N N 73  
DG  OP3   P      sing N N 74  
DG  OP3   HOP3   sing N N 75  
DG  P     OP1    doub N N 76  
DG  P     OP2    sing N N 77  
DG  P     "O5'"  sing N N 78  
DG  OP2   HOP2   sing N N 79  
DG  "O5'" "C5'"  sing N N 80  
DG  "C5'" "C4'"  sing N N 81  
DG  "C5'" "H5'"  sing N N 82  
DG  "C5'" "H5''" sing N N 83  
DG  "C4'" "O4'"  sing N N 84  
DG  "C4'" "C3'"  sing N N 85  
DG  "C4'" "H4'"  sing N N 86  
DG  "O4'" "C1'"  sing N N 87  
DG  "C3'" "O3'"  sing N N 88  
DG  "C3'" "C2'"  sing N N 89  
DG  "C3'" "H3'"  sing N N 90  
DG  "O3'" "HO3'" sing N N 91  
DG  "C2'" "C1'"  sing N N 92  
DG  "C2'" "H2'"  sing N N 93  
DG  "C2'" "H2''" sing N N 94  
DG  "C1'" N9     sing N N 95  
DG  "C1'" "H1'"  sing N N 96  
DG  N9    C8     sing Y N 97  
DG  N9    C4     sing Y N 98  
DG  C8    N7     doub Y N 99  
DG  C8    H8     sing N N 100 
DG  N7    C5     sing Y N 101 
DG  C5    C6     sing N N 102 
DG  C5    C4     doub Y N 103 
DG  C6    O6     doub N N 104 
DG  C6    N1     sing N N 105 
DG  N1    C2     sing N N 106 
DG  N1    H1     sing N N 107 
DG  C2    N2     sing N N 108 
DG  C2    N3     doub N N 109 
DG  N2    H21    sing N N 110 
DG  N2    H22    sing N N 111 
DG  N3    C4     sing N N 112 
DT  OP3   P      sing N N 113 
DT  OP3   HOP3   sing N N 114 
DT  P     OP1    doub N N 115 
DT  P     OP2    sing N N 116 
DT  P     "O5'"  sing N N 117 
DT  OP2   HOP2   sing N N 118 
DT  "O5'" "C5'"  sing N N 119 
DT  "C5'" "C4'"  sing N N 120 
DT  "C5'" "H5'"  sing N N 121 
DT  "C5'" "H5''" sing N N 122 
DT  "C4'" "O4'"  sing N N 123 
DT  "C4'" "C3'"  sing N N 124 
DT  "C4'" "H4'"  sing N N 125 
DT  "O4'" "C1'"  sing N N 126 
DT  "C3'" "O3'"  sing N N 127 
DT  "C3'" "C2'"  sing N N 128 
DT  "C3'" "H3'"  sing N N 129 
DT  "O3'" "HO3'" sing N N 130 
DT  "C2'" "C1'"  sing N N 131 
DT  "C2'" "H2'"  sing N N 132 
DT  "C2'" "H2''" sing N N 133 
DT  "C1'" N1     sing N N 134 
DT  "C1'" "H1'"  sing N N 135 
DT  N1    C2     sing N N 136 
DT  N1    C6     sing N N 137 
DT  C2    O2     doub N N 138 
DT  C2    N3     sing N N 139 
DT  N3    C4     sing N N 140 
DT  N3    H3     sing N N 141 
DT  C4    O4     doub N N 142 
DT  C4    C5     sing N N 143 
DT  C5    C7     sing N N 144 
DT  C5    C6     doub N N 145 
DT  C7    H71    sing N N 146 
DT  C7    H72    sing N N 147 
DT  C7    H73    sing N N 148 
DT  C6    H6     sing N N 149 
HOH O     H1     sing N N 150 
HOH O     H2     sing N N 151 
# 
_ndb_struct_conf_na.entry_id   6DWT 
_ndb_struct_conf_na.feature    'a-form double helix' 
# 
loop_
_ndb_struct_na_base_pair.model_number 
_ndb_struct_na_base_pair.i_label_asym_id 
_ndb_struct_na_base_pair.i_label_comp_id 
_ndb_struct_na_base_pair.i_label_seq_id 
_ndb_struct_na_base_pair.i_symmetry 
_ndb_struct_na_base_pair.j_label_asym_id 
_ndb_struct_na_base_pair.j_label_comp_id 
_ndb_struct_na_base_pair.j_label_seq_id 
_ndb_struct_na_base_pair.j_symmetry 
_ndb_struct_na_base_pair.shear 
_ndb_struct_na_base_pair.stretch 
_ndb_struct_na_base_pair.stagger 
_ndb_struct_na_base_pair.buckle 
_ndb_struct_na_base_pair.propeller 
_ndb_struct_na_base_pair.opening 
_ndb_struct_na_base_pair.pair_number 
_ndb_struct_na_base_pair.pair_name 
_ndb_struct_na_base_pair.i_auth_asym_id 
_ndb_struct_na_base_pair.i_auth_seq_id 
_ndb_struct_na_base_pair.i_PDB_ins_code 
_ndb_struct_na_base_pair.j_auth_asym_id 
_ndb_struct_na_base_pair.j_auth_seq_id 
_ndb_struct_na_base_pair.j_PDB_ins_code 
_ndb_struct_na_base_pair.hbond_type_28 
_ndb_struct_na_base_pair.hbond_type_12 
1 A DG 1 1_555 A DC 8 7_555 -0.448 -0.182 -0.318 -14.229 -9.834  0.672  1 A_DG9:DC16_A  A 9  ? A 16 ? 19 1 
1 A DA 2 1_555 A DT 7 7_555 0.054  -0.113 -0.188 -6.313  -13.128 2.751  2 A_DA10:DT15_A A 10 ? A 15 ? 20 1 
1 A DG 3 1_555 A DC 6 7_555 -0.129 -0.189 -0.055 -5.747  -11.346 -1.269 3 A_DG11:DC14_A A 11 ? A 14 ? 19 1 
1 A DG 4 1_555 A DC 5 7_555 -0.211 -0.120 -0.001 -6.045  -8.884  0.232  4 A_DG12:DC13_A A 12 ? A 13 ? 19 1 
1 A DC 5 1_555 A DG 4 7_555 0.211  -0.120 -0.001 6.045   -8.884  0.232  5 A_DC13:DG12_A A 13 ? A 12 ? 19 1 
1 A DC 6 1_555 A DG 3 7_555 0.129  -0.189 -0.055 5.747   -11.346 -1.269 6 A_DC14:DG11_A A 14 ? A 11 ? 19 1 
1 A DT 7 1_555 A DA 2 7_555 -0.054 -0.113 -0.188 6.313   -13.128 2.751  7 A_DT15:DA10_A A 15 ? A 10 ? 20 1 
1 A DC 8 1_555 A DG 1 7_555 0.448  -0.182 -0.318 14.229  -9.834  0.672  8 A_DC16:DG9_A  A 16 ? A 9  ? 19 1 
# 
loop_
_ndb_struct_na_base_pair_step.model_number 
_ndb_struct_na_base_pair_step.i_label_asym_id_1 
_ndb_struct_na_base_pair_step.i_label_comp_id_1 
_ndb_struct_na_base_pair_step.i_label_seq_id_1 
_ndb_struct_na_base_pair_step.i_symmetry_1 
_ndb_struct_na_base_pair_step.j_label_asym_id_1 
_ndb_struct_na_base_pair_step.j_label_comp_id_1 
_ndb_struct_na_base_pair_step.j_label_seq_id_1 
_ndb_struct_na_base_pair_step.j_symmetry_1 
_ndb_struct_na_base_pair_step.i_label_asym_id_2 
_ndb_struct_na_base_pair_step.i_label_comp_id_2 
_ndb_struct_na_base_pair_step.i_label_seq_id_2 
_ndb_struct_na_base_pair_step.i_symmetry_2 
_ndb_struct_na_base_pair_step.j_label_asym_id_2 
_ndb_struct_na_base_pair_step.j_label_comp_id_2 
_ndb_struct_na_base_pair_step.j_label_seq_id_2 
_ndb_struct_na_base_pair_step.j_symmetry_2 
_ndb_struct_na_base_pair_step.shift 
_ndb_struct_na_base_pair_step.slide 
_ndb_struct_na_base_pair_step.rise 
_ndb_struct_na_base_pair_step.tilt 
_ndb_struct_na_base_pair_step.roll 
_ndb_struct_na_base_pair_step.twist 
_ndb_struct_na_base_pair_step.x_displacement 
_ndb_struct_na_base_pair_step.y_displacement 
_ndb_struct_na_base_pair_step.helical_rise 
_ndb_struct_na_base_pair_step.inclination 
_ndb_struct_na_base_pair_step.tip 
_ndb_struct_na_base_pair_step.helical_twist 
_ndb_struct_na_base_pair_step.step_number 
_ndb_struct_na_base_pair_step.step_name 
_ndb_struct_na_base_pair_step.i_auth_asym_id_1 
_ndb_struct_na_base_pair_step.i_auth_seq_id_1 
_ndb_struct_na_base_pair_step.i_PDB_ins_code_1 
_ndb_struct_na_base_pair_step.j_auth_asym_id_1 
_ndb_struct_na_base_pair_step.j_auth_seq_id_1 
_ndb_struct_na_base_pair_step.j_PDB_ins_code_1 
_ndb_struct_na_base_pair_step.i_auth_asym_id_2 
_ndb_struct_na_base_pair_step.i_auth_seq_id_2 
_ndb_struct_na_base_pair_step.i_PDB_ins_code_2 
_ndb_struct_na_base_pair_step.j_auth_asym_id_2 
_ndb_struct_na_base_pair_step.j_auth_seq_id_2 
_ndb_struct_na_base_pair_step.j_PDB_ins_code_2 
1 A DG 1 1_555 A DC 8 7_555 A DA 2 1_555 A DT 7 7_555 0.154  -1.036 3.215 -0.685 6.550 33.418 -2.764 -0.368 2.961 11.254 1.176  
34.043 1 AA_DG9DA10:DT15DC16_AA  A 9  ? A 16 ? A 10 ? A 15 ? 
1 A DA 2 1_555 A DT 7 7_555 A DG 3 1_555 A DC 6 7_555 0.388  -1.728 3.328 0.773  6.580 29.352 -4.627 -0.596 2.890 12.782 -1.501 
30.075 2 AA_DA10DG11:DC14DT15_AA A 10 ? A 15 ? A 11 ? A 14 ? 
1 A DG 3 1_555 A DC 6 7_555 A DG 4 1_555 A DC 5 7_555 0.583  -1.778 3.253 2.215  4.669 33.400 -3.787 -0.657 3.016 8.063  -3.826 
33.786 3 AA_DG11DG12:DC13DC14_AA A 11 ? A 14 ? A 12 ? A 13 ? 
1 A DG 4 1_555 A DC 5 7_555 A DC 5 1_555 A DG 4 7_555 0.000  -2.422 3.105 0.000  2.065 23.536 -6.548 0.000  2.884 5.049  0.000  
23.625 4 AA_DG12DC13:DG12DC13_AA A 12 ? A 13 ? A 13 ? A 12 ? 
1 A DC 5 1_555 A DG 4 7_555 A DC 6 1_555 A DG 3 7_555 -0.583 -1.778 3.253 -2.215 4.669 33.400 -3.787 0.657  3.016 8.063  3.826  
33.786 5 AA_DC13DC14:DG11DG12_AA A 13 ? A 12 ? A 14 ? A 11 ? 
1 A DC 6 1_555 A DG 3 7_555 A DT 7 1_555 A DA 2 7_555 -0.388 -1.728 3.328 -0.773 6.580 29.352 -4.627 0.596  2.890 12.782 1.501  
30.075 6 AA_DC14DT15:DA10DG11_AA A 14 ? A 11 ? A 15 ? A 10 ? 
1 A DT 7 1_555 A DA 2 7_555 A DC 8 1_555 A DG 1 7_555 -0.154 -1.036 3.215 0.685  6.550 33.418 -2.764 0.368  2.961 11.254 -1.176 
34.043 7 AA_DT15DC16:DG9DA10_AA  A 15 ? A 10 ? A 16 ? A 9  ? 
# 
_pdbx_audit_support.funding_organization   'Department of Defense (DOD, United States)' 
_pdbx_audit_support.country                'United States' 
_pdbx_audit_support.grant_number           PC150300P1 
_pdbx_audit_support.ordinal                1 
# 
loop_
_pdbx_entity_nonpoly.entity_id 
_pdbx_entity_nonpoly.name 
_pdbx_entity_nonpoly.comp_id 
2 'MAGNESIUM ION' MG  
3 water           HOH 
# 
_pdbx_initial_refinement_model.id               1 
_pdbx_initial_refinement_model.entity_id_list   ? 
_pdbx_initial_refinement_model.type             'experimental model' 
_pdbx_initial_refinement_model.source_name      PDB 
_pdbx_initial_refinement_model.accession_code   6DXJ 
_pdbx_initial_refinement_model.details          ? 
# 
_pdbx_struct_assembly_auth_evidence.id                     1 
_pdbx_struct_assembly_auth_evidence.assembly_id            1 
_pdbx_struct_assembly_auth_evidence.experimental_support   none 
_pdbx_struct_assembly_auth_evidence.details                'Double-stranded DNA' 
# 
